data_3MB2
#
_entry.id   3MB2
#
_cell.length_a   106.062
_cell.length_b   106.062
_cell.length_c   109.961
_cell.angle_alpha   90.00
_cell.angle_beta   90.00
_cell.angle_gamma   120.00
#
_symmetry.space_group_name_H-M   'P 31'
#
loop_
_entity.id
_entity.type
_entity.pdbx_description
1 polymer '4-oxalocrotonate tautomerase family enzyme - alpha subunit'
2 polymer '4-oxalocrotonate tautomerase family enzyme - beta subunit'
3 non-polymer 'SULFATE ION'
4 water water
#
loop_
_entity_poly.entity_id
_entity_poly.type
_entity_poly.pdbx_seq_one_letter_code
_entity_poly.pdbx_strand_id
1 'polypeptide(L)' MLLLRITMLEGRSTEQKAELARALSAAAAAAFDVPLAEVRLIIQEVPPTHWTVGGISMAELRQQASTSTQGQ A,C,E,G,I,K
2 'polypeptide(L)' PMLEVFYSGDRPPDRTRKQAFAAEASAIFQRVIGTPPGRLQLIIQIVSPENTLAVIDLDRPDSDTTAEPDQQ B,D,F,H,J,L
#
# COMPACT_ATOMS: atom_id res chain seq x y z
N MET A 1 -8.63 -28.74 -7.31
CA MET A 1 -8.52 -27.31 -6.97
C MET A 1 -9.32 -26.35 -7.87
N LEU A 2 -9.83 -25.28 -7.25
CA LEU A 2 -10.46 -24.20 -7.98
C LEU A 2 -10.09 -22.83 -7.40
N LEU A 3 -9.24 -22.09 -8.10
CA LEU A 3 -8.82 -20.79 -7.54
C LEU A 3 -9.03 -19.66 -8.55
N LEU A 4 -9.64 -18.56 -8.13
CA LEU A 4 -9.84 -17.43 -9.04
C LEU A 4 -8.97 -16.31 -8.58
N ARG A 5 -8.46 -15.56 -9.54
CA ARG A 5 -7.67 -14.39 -9.26
C ARG A 5 -8.19 -13.21 -10.12
N ILE A 6 -8.70 -12.18 -9.48
CA ILE A 6 -9.05 -10.93 -10.19
C ILE A 6 -7.96 -9.88 -10.09
N THR A 7 -7.62 -9.28 -11.22
CA THR A 7 -6.78 -8.13 -11.23
C THR A 7 -7.60 -6.95 -11.79
N MET A 8 -7.71 -5.88 -11.02
CA MET A 8 -8.61 -4.81 -11.33
C MET A 8 -8.13 -3.42 -10.89
N LEU A 9 -8.64 -2.42 -11.56
CA LEU A 9 -8.31 -1.06 -11.28
C LEU A 9 -8.91 -0.74 -9.92
N GLU A 10 -8.12 -0.06 -9.08
CA GLU A 10 -8.68 0.37 -7.81
C GLU A 10 -9.70 1.47 -7.95
N GLY A 11 -10.42 1.75 -6.87
CA GLY A 11 -11.44 2.81 -6.91
C GLY A 11 -12.87 2.29 -6.69
N ARG A 12 -13.05 0.98 -6.68
CA ARG A 12 -14.40 0.42 -6.50
C ARG A 12 -14.67 0.29 -5.00
N SER A 13 -15.97 0.20 -4.65
CA SER A 13 -16.44 0.15 -3.29
C SER A 13 -16.29 -1.26 -2.71
N THR A 14 -16.17 -1.33 -1.39
CA THR A 14 -15.96 -2.58 -0.73
C THR A 14 -17.18 -3.47 -0.96
N GLU A 15 -18.33 -2.85 -1.23
CA GLU A 15 -19.55 -3.59 -1.49
C GLU A 15 -19.49 -4.27 -2.91
N GLN A 16 -19.05 -3.51 -3.91
CA GLN A 16 -18.71 -4.08 -5.20
C GLN A 16 -17.66 -5.22 -5.16
N LYS A 17 -16.54 -5.05 -4.43
CA LYS A 17 -15.55 -6.08 -4.42
C LYS A 17 -16.11 -7.32 -3.81
N ALA A 18 -16.88 -7.15 -2.76
CA ALA A 18 -17.48 -8.30 -2.10
C ALA A 18 -18.53 -8.97 -2.97
N GLU A 19 -19.25 -8.19 -3.78
CA GLU A 19 -20.31 -8.83 -4.56
C GLU A 19 -19.64 -9.57 -5.72
N LEU A 20 -18.49 -9.09 -6.21
CA LEU A 20 -17.83 -9.85 -7.28
C LEU A 20 -17.29 -11.15 -6.72
N ALA A 21 -16.77 -11.14 -5.50
CA ALA A 21 -16.13 -12.35 -4.98
C ALA A 21 -17.20 -13.43 -4.80
N ARG A 22 -18.33 -13.00 -4.27
CA ARG A 22 -19.44 -13.85 -3.92
C ARG A 22 -20.07 -14.39 -5.22
N ALA A 23 -20.40 -13.49 -6.16
CA ALA A 23 -21.09 -13.96 -7.38
C ALA A 23 -20.16 -14.86 -8.25
N LEU A 24 -18.87 -14.51 -8.37
CA LEU A 24 -18.00 -15.29 -9.22
C LEU A 24 -17.65 -16.65 -8.62
N SER A 25 -17.47 -16.69 -7.30
CA SER A 25 -17.23 -17.96 -6.64
C SER A 25 -18.44 -18.86 -6.84
N ALA A 26 -19.65 -18.36 -6.61
CA ALA A 26 -20.80 -19.28 -6.79
C ALA A 26 -20.84 -19.73 -8.26
N ALA A 27 -20.59 -18.81 -9.20
CA ALA A 27 -20.65 -19.19 -10.61
C ALA A 27 -19.62 -20.28 -10.96
N ALA A 28 -18.39 -20.18 -10.40
CA ALA A 28 -17.38 -21.17 -10.69
C ALA A 28 -17.72 -22.52 -10.03
N ALA A 29 -18.18 -22.50 -8.78
CA ALA A 29 -18.62 -23.75 -8.14
C ALA A 29 -19.65 -24.50 -9.03
N ALA A 30 -20.69 -23.78 -9.46
CA ALA A 30 -21.73 -24.42 -10.27
C ALA A 30 -21.18 -24.90 -11.63
N ALA A 31 -20.49 -24.02 -12.36
CA ALA A 31 -20.02 -24.36 -13.68
C ALA A 31 -19.02 -25.54 -13.73
N PHE A 32 -18.08 -25.56 -12.80
CA PHE A 32 -17.05 -26.55 -12.80
C PHE A 32 -17.32 -27.65 -11.87
N ASP A 33 -18.50 -27.66 -11.24
CA ASP A 33 -18.86 -28.75 -10.35
C ASP A 33 -17.83 -29.00 -9.24
N VAL A 34 -17.53 -27.95 -8.50
CA VAL A 34 -16.82 -28.15 -7.29
C VAL A 34 -17.59 -27.55 -6.11
N PRO A 35 -17.46 -28.16 -4.93
CA PRO A 35 -18.17 -27.61 -3.77
C PRO A 35 -17.74 -26.14 -3.56
N LEU A 36 -18.72 -25.28 -3.30
CA LEU A 36 -18.47 -23.87 -3.04
C LEU A 36 -17.36 -23.68 -1.97
N ALA A 37 -17.38 -24.53 -0.95
CA ALA A 37 -16.41 -24.44 0.11
C ALA A 37 -14.96 -24.56 -0.36
N GLU A 38 -14.68 -25.21 -1.49
CA GLU A 38 -13.27 -25.34 -1.96
C GLU A 38 -12.77 -24.18 -2.82
N VAL A 39 -13.65 -23.24 -3.17
CA VAL A 39 -13.29 -22.18 -4.10
C VAL A 39 -12.59 -21.04 -3.38
N ARG A 40 -11.36 -20.75 -3.79
CA ARG A 40 -10.64 -19.58 -3.34
C ARG A 40 -10.72 -18.49 -4.38
N LEU A 41 -10.76 -17.23 -3.95
CA LEU A 41 -10.67 -16.07 -4.88
C LEU A 41 -9.80 -14.93 -4.33
N ILE A 42 -8.80 -14.46 -5.07
CA ILE A 42 -7.85 -13.43 -4.62
C ILE A 42 -8.24 -12.22 -5.45
N ILE A 43 -8.31 -11.05 -4.79
CA ILE A 43 -8.51 -9.79 -5.49
C ILE A 43 -7.21 -8.95 -5.37
N GLN A 44 -6.77 -8.39 -6.49
CA GLN A 44 -5.52 -7.69 -6.61
C GLN A 44 -5.85 -6.37 -7.30
N GLU A 45 -5.56 -5.26 -6.63
CA GLU A 45 -5.90 -3.93 -7.17
C GLU A 45 -4.69 -3.21 -7.73
N VAL A 46 -4.92 -2.36 -8.73
CA VAL A 46 -3.86 -1.63 -9.42
C VAL A 46 -4.22 -0.12 -9.60
N PRO A 47 -3.25 0.80 -9.41
CA PRO A 47 -3.55 2.19 -9.63
C PRO A 47 -3.79 2.48 -11.11
N PRO A 48 -4.56 3.54 -11.43
CA PRO A 48 -4.80 3.92 -12.83
C PRO A 48 -3.52 4.10 -13.68
N THR A 49 -2.43 4.52 -13.05
CA THR A 49 -1.17 4.68 -13.75
C THR A 49 -0.51 3.36 -14.16
N HIS A 50 -1.00 2.22 -13.64
CA HIS A 50 -0.35 0.94 -13.79
C HIS A 50 -1.19 -0.01 -14.65
N TRP A 51 -2.20 0.52 -15.31
CA TRP A 51 -3.03 -0.25 -16.23
C TRP A 51 -3.01 0.53 -17.58
N THR A 52 -2.49 -0.12 -18.63
CA THR A 52 -2.36 0.54 -19.91
C THR A 52 -3.06 -0.24 -20.99
N VAL A 53 -3.49 0.51 -22.00
CA VAL A 53 -4.16 -0.01 -23.17
C VAL A 53 -3.61 0.75 -24.34
N GLY A 54 -3.21 0.03 -25.39
CA GLY A 54 -2.55 0.61 -26.56
C GLY A 54 -1.31 1.41 -26.16
N GLY A 55 -0.69 1.03 -25.04
CA GLY A 55 0.53 1.68 -24.54
C GLY A 55 0.28 2.82 -23.56
N ILE A 56 -0.98 3.21 -23.39
CA ILE A 56 -1.23 4.36 -22.51
C ILE A 56 -2.11 4.13 -21.27
N SER A 57 -1.61 4.60 -20.12
CA SER A 57 -2.25 4.36 -18.84
C SER A 57 -3.66 4.93 -18.75
N MET A 58 -4.45 4.37 -17.84
CA MET A 58 -5.80 4.82 -17.62
C MET A 58 -5.85 6.25 -17.06
N ALA A 59 -4.82 6.65 -16.32
CA ALA A 59 -4.74 8.03 -15.80
C ALA A 59 -4.72 9.03 -16.97
N GLU A 60 -4.37 8.54 -18.17
CA GLU A 60 -4.56 9.25 -19.46
C GLU A 60 -5.99 9.26 -20.04
N LEU A 61 -6.69 10.34 -19.70
CA LEU A 61 -8.10 10.55 -20.02
C LEU A 61 -8.42 12.05 -19.78
N PRO B 1 13.35 -8.64 -12.73
CA PRO B 1 12.02 -8.38 -13.21
C PRO B 1 11.49 -9.64 -13.92
N MET B 2 10.16 -9.78 -13.94
CA MET B 2 9.47 -10.87 -14.59
C MET B 2 8.48 -10.25 -15.58
N LEU B 3 8.33 -10.87 -16.76
CA LEU B 3 7.35 -10.42 -17.74
C LEU B 3 6.51 -11.65 -18.06
N GLU B 4 5.20 -11.60 -17.80
CA GLU B 4 4.31 -12.64 -18.28
C GLU B 4 3.56 -12.12 -19.49
N VAL B 5 3.49 -12.97 -20.53
CA VAL B 5 2.74 -12.65 -21.74
C VAL B 5 1.65 -13.67 -21.94
N PHE B 6 0.42 -13.19 -22.11
CA PHE B 6 -0.73 -14.07 -22.40
C PHE B 6 -1.24 -13.73 -23.78
N TYR B 7 -1.20 -14.71 -24.69
CA TYR B 7 -1.71 -14.49 -26.04
C TYR B 7 -2.79 -15.47 -26.39
N SER B 8 -3.82 -15.02 -27.09
CA SER B 8 -4.79 -15.95 -27.60
C SER B 8 -5.26 -15.44 -28.96
N GLY B 9 -5.28 -16.32 -29.94
CA GLY B 9 -5.71 -15.97 -31.29
C GLY B 9 -5.69 -17.13 -32.27
N ASP B 10 -6.18 -16.84 -33.47
CA ASP B 10 -6.31 -17.82 -34.55
C ASP B 10 -4.93 -18.07 -35.14
N ARG B 11 -4.06 -17.07 -35.05
CA ARG B 11 -2.73 -17.29 -35.60
C ARG B 11 -1.62 -16.98 -34.65
N PRO B 12 -1.28 -17.95 -33.80
CA PRO B 12 -0.16 -17.78 -32.82
C PRO B 12 1.24 -17.73 -33.51
N PRO B 13 2.25 -17.19 -32.81
CA PRO B 13 3.56 -17.01 -33.43
C PRO B 13 4.47 -18.24 -33.43
N ASP B 14 5.30 -18.35 -34.47
CA ASP B 14 6.24 -19.48 -34.53
C ASP B 14 7.43 -19.21 -33.57
N ARG B 15 8.30 -20.19 -33.35
CA ARG B 15 9.38 -20.04 -32.38
C ARG B 15 10.20 -18.81 -32.69
N THR B 16 10.45 -18.60 -33.97
CA THR B 16 11.40 -17.59 -34.34
C THR B 16 10.89 -16.18 -34.01
N ARG B 17 9.59 -15.96 -34.23
CA ARG B 17 8.94 -14.73 -33.83
C ARG B 17 8.94 -14.47 -32.32
N LYS B 18 8.74 -15.53 -31.54
CA LYS B 18 8.78 -15.40 -30.10
C LYS B 18 10.19 -15.09 -29.60
N GLN B 19 11.18 -15.68 -30.23
CA GLN B 19 12.56 -15.39 -29.81
C GLN B 19 13.03 -14.02 -30.27
N ALA B 20 12.52 -13.48 -31.38
CA ALA B 20 12.76 -12.08 -31.70
C ALA B 20 12.08 -11.25 -30.61
N PHE B 21 10.92 -11.68 -30.11
CA PHE B 21 10.25 -10.87 -29.12
C PHE B 21 11.01 -10.89 -27.82
N ALA B 22 11.58 -12.05 -27.51
CA ALA B 22 12.24 -12.25 -26.23
C ALA B 22 13.49 -11.36 -26.25
N ALA B 23 14.26 -11.42 -27.34
CA ALA B 23 15.44 -10.62 -27.38
C ALA B 23 15.10 -9.13 -27.26
N GLU B 24 14.07 -8.67 -27.97
CA GLU B 24 13.66 -7.26 -27.90
C GLU B 24 13.23 -6.87 -26.43
N ALA B 25 12.52 -7.77 -25.73
CA ALA B 25 12.01 -7.48 -24.37
C ALA B 25 13.21 -7.29 -23.44
N SER B 26 14.19 -8.15 -23.67
CA SER B 26 15.37 -8.12 -22.89
C SER B 26 16.08 -6.78 -23.06
N ALA B 27 16.21 -6.33 -24.30
CA ALA B 27 16.90 -5.09 -24.59
C ALA B 27 16.13 -3.87 -24.11
N ILE B 28 14.79 -3.93 -24.11
CA ILE B 28 13.96 -2.85 -23.63
C ILE B 28 14.25 -2.68 -22.12
N PHE B 29 14.24 -3.78 -21.37
CA PHE B 29 14.48 -3.74 -19.93
C PHE B 29 15.88 -3.18 -19.64
N GLN B 30 16.85 -3.56 -20.47
CA GLN B 30 18.19 -3.12 -20.22
C GLN B 30 18.36 -1.61 -20.57
N ARG B 31 17.63 -1.15 -21.57
CA ARG B 31 17.69 0.22 -21.98
C ARG B 31 16.97 1.12 -20.94
N VAL B 32 15.82 0.67 -20.43
CA VAL B 32 14.99 1.58 -19.61
C VAL B 32 15.36 1.55 -18.12
N ILE B 33 15.63 0.35 -17.60
CA ILE B 33 15.97 0.17 -16.18
C ILE B 33 17.32 -0.52 -15.92
N GLY B 34 18.12 -0.70 -16.95
CA GLY B 34 19.44 -1.29 -16.76
C GLY B 34 19.43 -2.79 -16.38
N THR B 35 18.35 -3.52 -16.59
CA THR B 35 18.43 -4.97 -16.34
C THR B 35 19.56 -5.66 -17.12
N PRO B 36 20.52 -6.34 -16.43
CA PRO B 36 21.60 -7.00 -17.25
C PRO B 36 21.06 -8.13 -18.18
N PRO B 37 21.64 -8.30 -19.40
CA PRO B 37 21.20 -9.37 -20.30
C PRO B 37 21.20 -10.72 -19.60
N GLY B 38 20.16 -11.53 -19.86
CA GLY B 38 20.07 -12.84 -19.21
C GLY B 38 19.26 -12.90 -17.90
N ARG B 39 18.86 -11.75 -17.33
CA ARG B 39 18.21 -11.76 -16.00
C ARG B 39 16.68 -11.70 -16.02
N LEU B 40 16.08 -11.16 -17.09
CA LEU B 40 14.63 -11.08 -17.25
C LEU B 40 14.07 -12.49 -17.12
N GLN B 41 13.10 -12.69 -16.22
CA GLN B 41 12.45 -13.97 -16.16
C GLN B 41 11.25 -13.81 -17.04
N LEU B 42 11.26 -14.49 -18.19
CA LEU B 42 10.18 -14.33 -19.19
C LEU B 42 9.35 -15.61 -19.37
N ILE B 43 8.01 -15.46 -19.32
CA ILE B 43 7.06 -16.55 -19.53
C ILE B 43 6.04 -16.13 -20.58
N ILE B 44 6.08 -16.77 -21.75
CA ILE B 44 5.01 -16.61 -22.75
C ILE B 44 4.03 -17.73 -22.63
N GLN B 45 2.76 -17.39 -22.54
CA GLN B 45 1.74 -18.43 -22.55
C GLN B 45 0.75 -18.31 -23.73
N ILE B 46 0.62 -19.39 -24.50
CA ILE B 46 -0.29 -19.38 -25.58
C ILE B 46 -1.58 -19.94 -25.04
N VAL B 47 -2.61 -19.10 -24.95
CA VAL B 47 -3.85 -19.50 -24.33
C VAL B 47 -4.85 -19.86 -25.40
N SER B 48 -5.34 -21.08 -25.29
CA SER B 48 -6.30 -21.54 -26.23
C SER B 48 -7.66 -20.73 -26.22
N PRO B 49 -8.19 -20.37 -27.43
CA PRO B 49 -9.42 -19.50 -27.51
C PRO B 49 -10.60 -20.02 -26.66
N GLU B 50 -10.68 -21.34 -26.58
CA GLU B 50 -11.67 -22.04 -25.82
C GLU B 50 -11.51 -21.72 -24.28
N ASN B 51 -10.33 -21.26 -23.86
CA ASN B 51 -10.05 -20.87 -22.50
C ASN B 51 -10.03 -19.35 -22.30
N THR B 52 -10.61 -18.60 -23.24
CA THR B 52 -10.84 -17.19 -23.07
C THR B 52 -12.31 -16.81 -23.29
N LEU B 53 -12.63 -15.51 -23.26
CA LEU B 53 -14.03 -15.12 -23.53
C LEU B 53 -14.49 -15.51 -24.93
N ALA B 54 -13.59 -15.60 -25.91
CA ALA B 54 -14.03 -15.89 -27.28
C ALA B 54 -14.76 -17.24 -27.38
N VAL B 55 -14.65 -18.10 -26.37
CA VAL B 55 -15.35 -19.38 -26.32
C VAL B 55 -16.88 -19.29 -26.43
N ILE B 56 -17.43 -18.10 -26.21
CA ILE B 56 -18.86 -17.84 -26.37
C ILE B 56 -19.40 -18.13 -27.82
N ASP B 57 -18.78 -17.49 -28.82
CA ASP B 57 -19.26 -17.86 -30.13
C ASP B 57 -18.11 -18.35 -30.98
N LEU B 58 -17.74 -19.60 -30.79
CA LEU B 58 -16.56 -20.09 -31.50
C LEU B 58 -16.74 -20.10 -33.02
N ASP B 59 -17.81 -20.70 -33.52
CA ASP B 59 -18.09 -20.57 -34.95
C ASP B 59 -18.66 -19.21 -35.36
N MET C 1 15.33 -21.84 -16.09
CA MET C 1 14.60 -20.90 -15.26
C MET C 1 13.92 -21.69 -14.14
N LEU C 2 13.94 -21.11 -12.95
CA LEU C 2 13.11 -21.58 -11.88
C LEU C 2 12.65 -20.39 -11.06
N LEU C 3 11.34 -20.10 -11.06
CA LEU C 3 10.81 -18.95 -10.38
C LEU C 3 9.65 -19.33 -9.49
N LEU C 4 9.65 -18.85 -8.28
CA LEU C 4 8.48 -19.07 -7.43
C LEU C 4 7.76 -17.80 -7.06
N ARG C 5 6.42 -17.86 -6.99
CA ARG C 5 5.68 -16.71 -6.52
C ARG C 5 4.66 -17.12 -5.43
N ILE C 6 4.69 -16.46 -4.28
CA ILE C 6 3.81 -16.73 -3.21
C ILE C 6 2.80 -15.62 -3.06
N THR C 7 1.53 -15.97 -2.99
CA THR C 7 0.53 -15.03 -2.67
C THR C 7 -0.05 -15.48 -1.35
N MET C 8 -0.09 -14.57 -0.38
CA MET C 8 -0.53 -14.93 0.96
C MET C 8 -1.06 -13.68 1.70
N LEU C 9 -1.71 -13.91 2.81
CA LEU C 9 -2.38 -12.89 3.58
C LEU C 9 -1.33 -12.05 4.23
N GLU C 10 -1.60 -10.75 4.31
CA GLU C 10 -0.87 -9.79 5.18
C GLU C 10 -0.82 -10.25 6.61
N GLY C 11 0.24 -9.90 7.32
CA GLY C 11 0.21 -10.17 8.75
C GLY C 11 1.34 -10.99 9.34
N ARG C 12 2.17 -11.66 8.51
CA ARG C 12 3.28 -12.46 9.01
C ARG C 12 4.47 -11.62 9.26
N SER C 13 5.39 -12.14 10.06
CA SER C 13 6.53 -11.39 10.45
C SER C 13 7.57 -11.44 9.33
N THR C 14 8.59 -10.60 9.42
CA THR C 14 9.54 -10.52 8.35
C THR C 14 10.46 -11.71 8.50
N GLU C 15 10.61 -12.19 9.72
CA GLU C 15 11.41 -13.37 9.88
C GLU C 15 10.72 -14.62 9.31
N GLN C 16 9.42 -14.69 9.42
CA GLN C 16 8.68 -15.71 8.70
C GLN C 16 8.79 -15.59 7.16
N LYS C 17 8.74 -14.38 6.59
CA LYS C 17 8.73 -14.25 5.16
C LYS C 17 10.05 -14.71 4.64
N ALA C 18 11.12 -14.35 5.37
CA ALA C 18 12.44 -14.71 4.93
C ALA C 18 12.72 -16.23 5.08
N GLU C 19 12.20 -16.86 6.13
CA GLU C 19 12.45 -18.29 6.29
C GLU C 19 11.70 -19.04 5.12
N LEU C 20 10.53 -18.55 4.76
CA LEU C 20 9.78 -19.12 3.65
C LEU C 20 10.58 -19.04 2.38
N ALA C 21 11.17 -17.88 2.12
CA ALA C 21 11.92 -17.68 0.88
C ALA C 21 13.16 -18.52 0.84
N ARG C 22 13.79 -18.67 2.01
CA ARG C 22 15.00 -19.46 2.06
C ARG C 22 14.68 -20.96 1.91
N ALA C 23 13.72 -21.48 2.64
CA ALA C 23 13.50 -22.89 2.63
C ALA C 23 12.86 -23.37 1.32
N LEU C 24 11.99 -22.57 0.70
CA LEU C 24 11.34 -23.01 -0.52
C LEU C 24 12.27 -22.94 -1.71
N SER C 25 13.12 -21.92 -1.76
CA SER C 25 14.18 -21.89 -2.75
C SER C 25 15.12 -23.11 -2.68
N ALA C 26 15.57 -23.45 -1.46
CA ALA C 26 16.50 -24.57 -1.33
C ALA C 26 15.76 -25.87 -1.70
N ALA C 27 14.49 -25.96 -1.35
CA ALA C 27 13.73 -27.20 -1.70
C ALA C 27 13.53 -27.31 -3.23
N ALA C 28 13.20 -26.20 -3.91
CA ALA C 28 13.10 -26.17 -5.35
C ALA C 28 14.41 -26.52 -6.05
N ALA C 29 15.52 -25.90 -5.64
CA ALA C 29 16.86 -26.26 -6.22
C ALA C 29 17.16 -27.73 -6.11
N ALA C 30 16.91 -28.33 -4.96
CA ALA C 30 17.23 -29.77 -4.83
C ALA C 30 16.24 -30.65 -5.58
N ALA C 31 14.95 -30.43 -5.37
CA ALA C 31 14.00 -31.31 -6.07
C ALA C 31 14.21 -31.25 -7.60
N PHE C 32 14.46 -30.04 -8.13
CA PHE C 32 14.46 -29.87 -9.57
C PHE C 32 15.83 -29.84 -10.21
N ASP C 33 16.86 -30.17 -9.42
CA ASP C 33 18.26 -30.08 -9.84
C ASP C 33 18.63 -28.80 -10.60
N VAL C 34 18.40 -27.66 -9.97
CA VAL C 34 18.98 -26.44 -10.54
C VAL C 34 19.82 -25.67 -9.51
N PRO C 35 20.87 -25.02 -9.97
CA PRO C 35 21.71 -24.39 -8.97
C PRO C 35 20.90 -23.39 -8.16
N LEU C 36 21.01 -23.48 -6.84
CA LEU C 36 20.39 -22.47 -5.96
C LEU C 36 20.48 -21.02 -6.46
N ALA C 37 21.65 -20.60 -6.96
CA ALA C 37 21.88 -19.22 -7.34
C ALA C 37 20.97 -18.75 -8.51
N GLU C 38 20.40 -19.68 -9.26
CA GLU C 38 19.46 -19.29 -10.34
C GLU C 38 17.97 -19.13 -9.92
N VAL C 39 17.61 -19.58 -8.70
CA VAL C 39 16.22 -19.54 -8.19
C VAL C 39 15.75 -18.17 -7.69
N ARG C 40 14.63 -17.68 -8.19
CA ARG C 40 14.05 -16.43 -7.74
C ARG C 40 12.75 -16.70 -7.06
N LEU C 41 12.39 -15.86 -6.10
CA LEU C 41 11.15 -16.04 -5.40
C LEU C 41 10.55 -14.67 -5.09
N ILE C 42 9.25 -14.57 -5.27
CA ILE C 42 8.54 -13.32 -5.19
C ILE C 42 7.45 -13.54 -4.21
N ILE C 43 7.27 -12.60 -3.29
CA ILE C 43 6.20 -12.66 -2.31
C ILE C 43 5.16 -11.58 -2.61
N GLN C 44 3.89 -11.96 -2.65
CA GLN C 44 2.85 -10.98 -2.77
C GLN C 44 1.94 -11.12 -1.62
N GLU C 45 1.66 -10.03 -0.94
CA GLU C 45 0.70 -10.05 0.20
C GLU C 45 -0.64 -9.40 -0.15
N VAL C 46 -1.71 -9.85 0.51
CA VAL C 46 -3.01 -9.26 0.23
C VAL C 46 -3.79 -9.05 1.51
N PRO C 47 -4.67 -8.04 1.55
CA PRO C 47 -5.32 -7.90 2.83
C PRO C 47 -6.42 -8.92 3.11
N PRO C 48 -6.81 -9.06 4.36
CA PRO C 48 -7.82 -10.08 4.62
C PRO C 48 -9.18 -9.90 3.83
N THR C 49 -9.49 -8.70 3.36
CA THR C 49 -10.72 -8.50 2.62
C THR C 49 -10.64 -9.01 1.16
N HIS C 50 -9.44 -9.41 0.70
CA HIS C 50 -9.15 -9.66 -0.69
C HIS C 50 -8.77 -11.11 -0.86
N TRP C 51 -8.93 -11.91 0.19
CA TRP C 51 -8.80 -13.34 0.11
C TRP C 51 -10.12 -13.97 0.60
N THR C 52 -10.71 -14.81 -0.23
CA THR C 52 -12.07 -15.20 -0.11
C THR C 52 -12.08 -16.72 -0.21
N VAL C 53 -12.82 -17.37 0.67
CA VAL C 53 -13.06 -18.78 0.46
C VAL C 53 -14.52 -19.11 0.58
N GLY C 54 -15.00 -19.90 -0.36
CA GLY C 54 -16.45 -20.14 -0.43
C GLY C 54 -17.19 -18.87 -0.71
N GLY C 55 -16.54 -17.91 -1.35
CA GLY C 55 -17.15 -16.59 -1.59
C GLY C 55 -17.13 -15.58 -0.41
N ILE C 56 -16.61 -15.97 0.74
CA ILE C 56 -16.66 -15.14 1.94
C ILE C 56 -15.22 -14.74 2.39
N SER C 57 -15.02 -13.44 2.57
CA SER C 57 -13.72 -12.91 2.95
C SER C 57 -13.28 -13.37 4.34
N MET C 58 -11.95 -13.43 4.44
CA MET C 58 -11.29 -13.85 5.65
C MET C 58 -11.64 -12.92 6.79
N ALA C 59 -11.86 -11.64 6.49
CA ALA C 59 -12.23 -10.67 7.50
C ALA C 59 -13.43 -11.14 8.33
N GLU C 60 -14.34 -11.93 7.72
CA GLU C 60 -15.36 -12.72 8.48
C GLU C 60 -14.69 -13.84 9.22
N LEU C 61 -14.16 -13.41 10.37
CA LEU C 61 -13.88 -14.17 11.56
C LEU C 61 -14.43 -13.18 12.62
N ARG C 62 -15.74 -13.21 12.94
CA ARG C 62 -16.75 -14.08 12.32
C ARG C 62 -17.85 -13.26 11.64
N PRO D 1 -10.65 -5.15 -16.61
CA PRO D 1 -10.30 -6.14 -15.59
C PRO D 1 -9.82 -7.52 -16.15
N MET D 2 -9.10 -8.28 -15.31
CA MET D 2 -8.57 -9.59 -15.65
C MET D 2 -9.04 -10.60 -14.63
N LEU D 3 -9.39 -11.78 -15.11
CA LEU D 3 -9.81 -12.88 -14.26
C LEU D 3 -9.07 -14.15 -14.70
N GLU D 4 -8.24 -14.70 -13.81
CA GLU D 4 -7.53 -15.98 -14.08
C GLU D 4 -8.23 -17.05 -13.30
N VAL D 5 -8.55 -18.16 -13.95
CA VAL D 5 -9.15 -19.30 -13.28
C VAL D 5 -8.12 -20.51 -13.32
N PHE D 6 -7.89 -21.14 -12.17
CA PHE D 6 -7.05 -22.34 -12.10
C PHE D 6 -7.91 -23.49 -11.68
N TYR D 7 -8.10 -24.42 -12.59
CA TYR D 7 -8.91 -25.58 -12.29
C TYR D 7 -8.06 -26.88 -12.34
N SER D 8 -8.28 -27.77 -11.37
CA SER D 8 -7.65 -29.12 -11.36
C SER D 8 -8.60 -30.16 -10.76
N GLY D 9 -8.82 -31.27 -11.45
CA GLY D 9 -9.75 -32.29 -11.00
C GLY D 9 -9.66 -33.56 -11.83
N ASP D 10 -10.45 -34.59 -11.52
CA ASP D 10 -10.29 -35.85 -12.25
C ASP D 10 -10.61 -35.57 -13.71
N ARG D 11 -11.61 -34.70 -13.88
CA ARG D 11 -12.30 -34.46 -15.16
C ARG D 11 -12.29 -32.94 -15.58
N PRO D 12 -11.35 -32.61 -16.51
CA PRO D 12 -11.37 -31.26 -17.17
C PRO D 12 -12.79 -30.90 -17.78
N PRO D 13 -13.31 -29.68 -17.51
CA PRO D 13 -14.61 -29.27 -18.10
C PRO D 13 -14.63 -29.25 -19.64
N ASP D 14 -15.70 -29.78 -20.24
CA ASP D 14 -16.00 -29.60 -21.64
C ASP D 14 -16.32 -28.09 -22.00
N ARG D 15 -16.48 -27.81 -23.27
CA ARG D 15 -16.72 -26.47 -23.81
C ARG D 15 -18.03 -25.82 -23.30
N THR D 16 -19.13 -26.56 -23.29
CA THR D 16 -20.35 -26.14 -22.58
C THR D 16 -20.16 -25.52 -21.16
N ARG D 17 -19.40 -26.16 -20.26
CA ARG D 17 -19.20 -25.58 -18.93
C ARG D 17 -18.45 -24.24 -18.99
N LYS D 18 -17.51 -24.12 -19.93
CA LYS D 18 -16.68 -22.94 -20.02
C LYS D 18 -17.47 -21.78 -20.64
N GLN D 19 -18.33 -22.11 -21.61
CA GLN D 19 -19.24 -21.16 -22.19
C GLN D 19 -20.15 -20.56 -21.10
N ALA D 20 -20.75 -21.44 -20.31
CA ALA D 20 -21.62 -21.01 -19.25
C ALA D 20 -20.86 -20.03 -18.32
N PHE D 21 -19.66 -20.41 -17.95
CA PHE D 21 -18.93 -19.63 -16.95
C PHE D 21 -18.46 -18.28 -17.53
N ALA D 22 -18.01 -18.33 -18.75
CA ALA D 22 -17.64 -17.11 -19.46
C ALA D 22 -18.77 -16.09 -19.44
N ALA D 23 -19.97 -16.49 -19.85
CA ALA D 23 -21.08 -15.57 -19.93
C ALA D 23 -21.56 -15.09 -18.58
N GLU D 24 -21.61 -15.98 -17.58
CA GLU D 24 -21.93 -15.53 -16.22
C GLU D 24 -20.87 -14.48 -15.76
N ALA D 25 -19.58 -14.80 -15.92
CA ALA D 25 -18.51 -13.84 -15.52
C ALA D 25 -18.71 -12.49 -16.22
N SER D 26 -19.04 -12.47 -17.51
CA SER D 26 -19.16 -11.16 -18.14
C SER D 26 -20.31 -10.42 -17.57
N ALA D 27 -21.41 -11.14 -17.38
CA ALA D 27 -22.63 -10.46 -16.92
C ALA D 27 -22.40 -9.92 -15.48
N ILE D 28 -21.68 -10.65 -14.67
CA ILE D 28 -21.43 -10.21 -13.32
C ILE D 28 -20.58 -8.95 -13.26
N PHE D 29 -19.48 -8.93 -14.00
CA PHE D 29 -18.65 -7.73 -14.07
C PHE D 29 -19.46 -6.53 -14.62
N GLN D 30 -20.29 -6.78 -15.63
CA GLN D 30 -21.12 -5.71 -16.19
C GLN D 30 -22.11 -5.16 -15.14
N ARG D 31 -22.81 -6.07 -14.47
CA ARG D 31 -23.83 -5.65 -13.51
C ARG D 31 -23.13 -5.00 -12.26
N VAL D 32 -22.02 -5.54 -11.80
CA VAL D 32 -21.47 -5.00 -10.55
C VAL D 32 -20.57 -3.78 -10.74
N ILE D 33 -19.69 -3.79 -11.75
CA ILE D 33 -18.85 -2.62 -11.97
C ILE D 33 -19.02 -1.92 -13.32
N GLY D 34 -20.01 -2.30 -14.12
CA GLY D 34 -20.22 -1.60 -15.40
C GLY D 34 -19.32 -2.00 -16.59
N THR D 35 -18.51 -3.06 -16.47
CA THR D 35 -17.57 -3.50 -17.53
C THR D 35 -18.34 -3.81 -18.82
N PRO D 36 -18.04 -3.10 -19.94
CA PRO D 36 -18.82 -3.50 -21.12
C PRO D 36 -18.52 -4.97 -21.50
N PRO D 37 -19.50 -5.70 -22.10
CA PRO D 37 -19.06 -7.00 -22.67
C PRO D 37 -18.24 -6.75 -23.93
N GLY D 38 -17.32 -7.64 -24.31
CA GLY D 38 -16.55 -8.44 -23.46
C GLY D 38 -15.20 -7.70 -23.50
N ARG D 39 -15.04 -6.76 -22.55
CA ARG D 39 -13.74 -6.19 -22.19
C ARG D 39 -13.06 -7.02 -21.09
N LEU D 40 -13.79 -7.84 -20.37
CA LEU D 40 -13.18 -8.71 -19.40
C LEU D 40 -12.07 -9.58 -20.03
N GLN D 41 -10.86 -9.60 -19.46
CA GLN D 41 -9.82 -10.47 -19.95
C GLN D 41 -9.87 -11.78 -19.16
N LEU D 42 -10.42 -12.84 -19.76
CA LEU D 42 -10.65 -14.08 -19.05
C LEU D 42 -9.60 -15.08 -19.50
N ILE D 43 -9.04 -15.84 -18.54
CA ILE D 43 -8.04 -16.86 -18.76
C ILE D 43 -8.27 -18.03 -17.88
N ILE D 44 -8.68 -19.13 -18.49
CA ILE D 44 -8.91 -20.35 -17.74
C ILE D 44 -7.72 -21.24 -17.97
N GLN D 45 -7.12 -21.72 -16.89
CA GLN D 45 -5.99 -22.62 -16.96
C GLN D 45 -6.38 -23.97 -16.35
N ILE D 46 -6.25 -25.03 -17.11
CA ILE D 46 -6.55 -26.34 -16.65
C ILE D 46 -5.23 -26.95 -16.21
N VAL D 47 -5.08 -27.18 -14.92
CA VAL D 47 -3.82 -27.65 -14.35
C VAL D 47 -3.89 -29.15 -14.10
N SER D 48 -2.95 -29.89 -14.71
CA SER D 48 -2.92 -31.33 -14.50
C SER D 48 -2.66 -31.70 -13.01
N PRO D 49 -3.35 -32.72 -12.51
CA PRO D 49 -3.27 -33.09 -11.09
C PRO D 49 -1.88 -33.32 -10.61
N GLU D 50 -0.99 -33.87 -11.45
N GLU D 50 -1.04 -33.82 -11.51
CA GLU D 50 0.39 -34.04 -11.07
CA GLU D 50 0.37 -34.04 -11.30
C GLU D 50 1.14 -32.70 -10.89
C GLU D 50 1.14 -32.74 -11.01
N ASN D 51 0.52 -31.60 -11.28
CA ASN D 51 1.10 -30.32 -11.08
C ASN D 51 0.47 -29.56 -9.91
N THR D 52 -0.23 -30.28 -9.02
CA THR D 52 -0.82 -29.64 -7.84
C THR D 52 -0.38 -30.42 -6.65
N LEU D 53 -0.94 -30.10 -5.49
CA LEU D 53 -0.61 -30.79 -4.28
C LEU D 53 -1.06 -32.22 -4.39
N ALA D 54 -2.03 -32.47 -5.26
CA ALA D 54 -2.61 -33.81 -5.32
C ALA D 54 -1.63 -34.86 -5.84
N VAL D 55 -0.41 -34.48 -6.22
CA VAL D 55 0.51 -35.35 -6.89
C VAL D 55 1.05 -36.36 -5.89
N ILE D 56 0.99 -36.00 -4.63
CA ILE D 56 1.39 -36.88 -3.55
C ILE D 56 0.64 -38.19 -3.50
N ASP D 57 -0.67 -38.16 -3.63
CA ASP D 57 -1.34 -39.48 -3.74
C ASP D 57 -2.35 -39.46 -4.87
N LEU D 58 -1.97 -39.94 -6.05
CA LEU D 58 -2.90 -39.96 -7.18
C LEU D 58 -3.66 -41.30 -7.25
N MET E 1 -6.93 -11.89 -27.73
CA MET E 1 -6.28 -11.42 -26.47
C MET E 1 -4.75 -11.24 -26.53
N LEU E 2 -4.27 -10.09 -26.08
CA LEU E 2 -2.87 -9.97 -25.74
C LEU E 2 -2.73 -9.17 -24.47
N LEU E 3 -2.28 -9.80 -23.40
CA LEU E 3 -2.09 -9.04 -22.17
C LEU E 3 -0.68 -9.19 -21.60
N LEU E 4 -0.03 -8.10 -21.19
CA LEU E 4 1.26 -8.30 -20.53
C LEU E 4 1.23 -7.94 -19.05
N ARG E 5 1.97 -8.68 -18.25
CA ARG E 5 2.04 -8.35 -16.85
C ARG E 5 3.51 -8.29 -16.35
N ILE E 6 3.93 -7.09 -15.93
CA ILE E 6 5.27 -6.95 -15.37
C ILE E 6 5.25 -7.01 -13.89
N THR E 7 6.17 -7.75 -13.34
CA THR E 7 6.39 -7.73 -11.91
C THR E 7 7.83 -7.22 -11.71
N MET E 8 7.92 -6.11 -10.96
CA MET E 8 9.22 -5.47 -10.74
C MET E 8 9.44 -4.88 -9.34
N LEU E 9 10.70 -4.64 -9.06
CA LEU E 9 11.07 -3.95 -7.90
C LEU E 9 10.56 -2.51 -7.89
N GLU E 10 10.10 -2.07 -6.74
CA GLU E 10 9.85 -0.66 -6.44
C GLU E 10 11.06 0.25 -6.67
N GLY E 11 10.74 1.51 -6.97
CA GLY E 11 11.72 2.57 -6.92
C GLY E 11 12.13 3.04 -8.27
N ARG E 12 11.35 2.71 -9.30
CA ARG E 12 11.64 3.26 -10.63
C ARG E 12 10.79 4.51 -10.84
N SER E 13 11.30 5.36 -11.71
CA SER E 13 10.65 6.61 -11.96
C SER E 13 9.31 6.34 -12.65
N THR E 14 8.44 7.31 -12.47
CA THR E 14 7.17 7.39 -13.15
C THR E 14 7.46 7.27 -14.62
N GLU E 15 8.47 8.00 -15.07
CA GLU E 15 8.77 8.12 -16.47
C GLU E 15 9.31 6.79 -17.05
N GLN E 16 10.20 6.13 -16.32
CA GLN E 16 10.65 4.80 -16.69
C GLN E 16 9.50 3.76 -16.78
N LYS E 17 8.56 3.79 -15.87
CA LYS E 17 7.46 2.85 -15.91
C LYS E 17 6.65 3.07 -17.18
N ALA E 18 6.39 4.32 -17.51
CA ALA E 18 5.64 4.62 -18.69
C ALA E 18 6.45 4.24 -19.94
N GLU E 19 7.79 4.35 -19.93
CA GLU E 19 8.55 3.84 -21.09
C GLU E 19 8.43 2.31 -21.28
N LEU E 20 8.54 1.55 -20.21
CA LEU E 20 8.44 0.11 -20.33
C LEU E 20 7.12 -0.26 -20.98
N ALA E 21 6.06 0.41 -20.61
CA ALA E 21 4.75 -0.04 -21.03
C ALA E 21 4.55 0.36 -22.47
N ARG E 22 5.08 1.50 -22.85
CA ARG E 22 4.97 1.95 -24.23
C ARG E 22 5.83 1.07 -25.13
N ALA E 23 7.07 0.78 -24.75
CA ALA E 23 7.91 0.03 -25.67
C ALA E 23 7.51 -1.47 -25.70
N LEU E 24 7.17 -1.99 -24.52
CA LEU E 24 6.80 -3.39 -24.45
C LEU E 24 5.52 -3.62 -25.24
N SER E 25 4.62 -2.66 -25.19
CA SER E 25 3.34 -2.83 -25.84
C SER E 25 3.49 -2.76 -27.36
N ALA E 26 4.38 -1.93 -27.85
CA ALA E 26 4.60 -1.84 -29.28
C ALA E 26 5.28 -3.11 -29.75
N ALA E 27 6.28 -3.56 -28.98
CA ALA E 27 6.99 -4.76 -29.37
C ALA E 27 6.03 -5.96 -29.41
N ALA E 28 5.02 -5.96 -28.56
CA ALA E 28 4.21 -7.14 -28.50
C ALA E 28 3.19 -7.08 -29.62
N ALA E 29 2.60 -5.90 -29.84
CA ALA E 29 1.69 -5.70 -30.96
C ALA E 29 2.33 -6.23 -32.21
N ALA E 30 3.57 -5.80 -32.48
CA ALA E 30 4.26 -6.11 -33.77
C ALA E 30 4.57 -7.59 -33.93
N ALA E 31 5.05 -8.22 -32.87
CA ALA E 31 5.45 -9.64 -32.92
C ALA E 31 4.31 -10.66 -32.94
N PHE E 32 3.34 -10.50 -32.03
CA PHE E 32 2.21 -11.44 -31.99
C PHE E 32 1.15 -11.05 -33.05
N ASP E 33 1.33 -9.91 -33.70
CA ASP E 33 0.50 -9.50 -34.84
C ASP E 33 -0.91 -9.08 -34.47
N VAL E 34 -1.00 -8.14 -33.53
CA VAL E 34 -2.27 -7.74 -32.93
C VAL E 34 -2.33 -6.19 -32.95
N PRO E 35 -3.51 -5.62 -33.28
CA PRO E 35 -3.56 -4.17 -33.21
C PRO E 35 -3.11 -3.66 -31.82
N LEU E 36 -2.26 -2.63 -31.85
CA LEU E 36 -1.75 -1.99 -30.65
C LEU E 36 -2.85 -1.61 -29.63
N ALA E 37 -3.99 -1.18 -30.16
CA ALA E 37 -5.13 -0.68 -29.35
C ALA E 37 -5.81 -1.76 -28.53
N GLU E 38 -5.52 -3.03 -28.85
CA GLU E 38 -6.07 -4.14 -28.10
C GLU E 38 -5.14 -4.65 -26.96
N VAL E 39 -3.90 -4.14 -26.91
CA VAL E 39 -2.88 -4.64 -25.97
C VAL E 39 -3.01 -4.04 -24.55
N ARG E 40 -3.30 -4.89 -23.55
CA ARG E 40 -3.28 -4.48 -22.17
C ARG E 40 -1.98 -4.84 -21.52
N LEU E 41 -1.53 -3.94 -20.66
CA LEU E 41 -0.37 -4.13 -19.85
C LEU E 41 -0.58 -3.63 -18.41
N ILE E 42 -0.08 -4.46 -17.47
CA ILE E 42 -0.36 -4.29 -16.03
C ILE E 42 0.99 -4.25 -15.42
N ILE E 43 1.27 -3.27 -14.58
CA ILE E 43 2.51 -3.25 -13.79
C ILE E 43 2.20 -3.58 -12.31
N GLN E 44 3.02 -4.45 -11.71
CA GLN E 44 2.96 -4.76 -10.29
C GLN E 44 4.32 -4.58 -9.68
N GLU E 45 4.38 -3.85 -8.57
CA GLU E 45 5.65 -3.47 -7.96
C GLU E 45 5.81 -4.24 -6.67
N VAL E 46 7.06 -4.44 -6.29
CA VAL E 46 7.37 -5.28 -5.15
C VAL E 46 8.50 -4.65 -4.31
N PRO E 47 8.37 -4.66 -2.95
CA PRO E 47 9.47 -4.12 -2.12
C PRO E 47 10.75 -4.98 -2.16
N PRO E 48 11.93 -4.38 -1.86
CA PRO E 48 13.23 -5.11 -2.11
C PRO E 48 13.33 -6.43 -1.35
N THR E 49 12.59 -6.47 -0.29
CA THR E 49 12.46 -7.48 0.70
C THR E 49 11.56 -8.66 0.17
N HIS E 50 10.76 -8.43 -0.85
CA HIS E 50 9.90 -9.47 -1.38
C HIS E 50 10.38 -10.03 -2.73
N TRP E 51 11.67 -9.84 -3.04
CA TRP E 51 12.27 -10.40 -4.26
C TRP E 51 13.55 -11.06 -3.76
N THR E 52 13.65 -12.38 -3.88
CA THR E 52 14.84 -13.01 -3.37
C THR E 52 15.55 -13.77 -4.48
N VAL E 53 16.87 -13.97 -4.37
CA VAL E 53 17.65 -14.71 -5.38
C VAL E 53 18.50 -15.67 -4.61
N GLY E 54 18.44 -16.95 -4.93
CA GLY E 54 19.25 -17.88 -4.15
C GLY E 54 18.82 -17.93 -2.71
N GLY E 55 17.51 -17.71 -2.49
CA GLY E 55 16.97 -17.58 -1.17
C GLY E 55 17.22 -16.30 -0.38
N ILE E 56 18.06 -15.37 -0.82
CA ILE E 56 18.17 -14.21 0.04
C ILE E 56 17.61 -12.94 -0.63
N SER E 57 17.04 -12.05 0.15
CA SER E 57 16.38 -10.86 -0.40
C SER E 57 17.31 -9.84 -1.04
N MET E 58 16.81 -9.15 -2.06
CA MET E 58 17.44 -7.98 -2.63
C MET E 58 17.90 -6.96 -1.58
N ALA E 59 17.12 -6.79 -0.51
CA ALA E 59 17.54 -5.99 0.65
C ALA E 59 18.91 -6.41 1.23
N GLU E 60 19.40 -7.61 0.86
CA GLU E 60 20.81 -8.02 1.05
C GLU E 60 21.75 -7.99 -0.19
N LEU E 61 22.51 -6.89 -0.35
CA LEU E 61 22.37 -5.71 0.55
C LEU E 61 21.60 -4.58 -0.17
N PRO F 1 -2.81 -19.75 1.24
CA PRO F 1 -1.66 -19.29 0.54
C PRO F 1 -1.54 -19.99 -0.79
N MET F 2 -0.95 -19.33 -1.76
CA MET F 2 -0.78 -19.88 -3.09
C MET F 2 0.71 -19.86 -3.43
N LEU F 3 1.18 -20.89 -4.17
CA LEU F 3 2.54 -21.00 -4.60
C LEU F 3 2.54 -21.37 -6.06
N GLU F 4 2.93 -20.46 -6.92
CA GLU F 4 3.14 -20.78 -8.31
C GLU F 4 4.62 -21.10 -8.53
N VAL F 5 4.89 -22.13 -9.33
CA VAL F 5 6.27 -22.49 -9.67
C VAL F 5 6.40 -22.47 -11.18
N PHE F 6 7.42 -21.80 -11.71
CA PHE F 6 7.68 -21.81 -13.16
C PHE F 6 9.05 -22.46 -13.39
N TYR F 7 9.05 -23.53 -14.20
CA TYR F 7 10.27 -24.25 -14.41
C TYR F 7 10.47 -24.33 -15.90
N SER F 8 11.68 -24.07 -16.35
CA SER F 8 12.04 -24.37 -17.76
C SER F 8 13.47 -24.92 -17.78
N GLY F 9 13.74 -25.90 -18.64
CA GLY F 9 14.99 -26.61 -18.63
C GLY F 9 14.98 -27.76 -19.60
N ASP F 10 16.06 -28.57 -19.58
CA ASP F 10 16.35 -29.58 -20.61
C ASP F 10 15.40 -30.74 -20.68
N ARG F 11 15.10 -31.30 -19.52
CA ARG F 11 14.07 -32.31 -19.39
C ARG F 11 13.16 -31.78 -18.32
N PRO F 12 11.85 -31.87 -18.56
CA PRO F 12 10.85 -31.63 -17.51
C PRO F 12 11.03 -32.67 -16.34
N PRO F 13 10.78 -32.28 -15.08
CA PRO F 13 10.92 -33.20 -13.91
C PRO F 13 9.87 -34.33 -13.86
N ASP F 14 10.29 -35.56 -13.55
CA ASP F 14 9.36 -36.69 -13.42
C ASP F 14 8.43 -36.47 -12.20
N ARG F 15 7.48 -37.37 -12.02
CA ARG F 15 6.56 -37.36 -10.88
C ARG F 15 7.26 -37.34 -9.51
N THR F 16 8.32 -38.13 -9.37
CA THR F 16 9.02 -38.30 -8.10
C THR F 16 9.55 -36.94 -7.59
N ARG F 17 10.13 -36.14 -8.48
CA ARG F 17 10.69 -34.84 -8.07
C ARG F 17 9.59 -33.92 -7.64
N LYS F 18 8.45 -33.96 -8.33
CA LYS F 18 7.29 -33.10 -7.96
C LYS F 18 6.64 -33.56 -6.67
N GLN F 19 6.63 -34.87 -6.43
CA GLN F 19 6.19 -35.41 -5.15
C GLN F 19 7.05 -34.86 -4.00
N ALA F 20 8.38 -34.98 -4.13
CA ALA F 20 9.28 -34.54 -3.08
C ALA F 20 9.02 -33.03 -2.85
N PHE F 21 8.94 -32.26 -3.93
CA PHE F 21 8.75 -30.86 -3.79
C PHE F 21 7.39 -30.46 -3.16
N ALA F 22 6.31 -31.13 -3.52
CA ALA F 22 5.02 -30.77 -2.96
C ALA F 22 5.03 -31.11 -1.50
N ALA F 23 5.55 -32.30 -1.15
CA ALA F 23 5.67 -32.62 0.26
C ALA F 23 6.52 -31.62 1.06
N GLU F 24 7.67 -31.22 0.54
CA GLU F 24 8.51 -30.32 1.34
C GLU F 24 7.80 -28.95 1.43
N ALA F 25 7.21 -28.47 0.33
CA ALA F 25 6.48 -27.20 0.36
C ALA F 25 5.37 -27.22 1.37
N SER F 26 4.59 -28.29 1.47
CA SER F 26 3.56 -28.31 2.48
C SER F 26 4.14 -28.21 3.89
N ALA F 27 5.13 -29.03 4.15
CA ALA F 27 5.72 -29.10 5.47
C ALA F 27 6.35 -27.76 5.82
N ILE F 28 6.89 -27.06 4.80
CA ILE F 28 7.53 -25.77 5.07
C ILE F 28 6.50 -24.69 5.46
N PHE F 29 5.45 -24.57 4.69
CA PHE F 29 4.34 -23.70 5.06
C PHE F 29 3.75 -24.06 6.38
N GLN F 30 3.68 -25.37 6.67
CA GLN F 30 3.10 -25.79 7.93
C GLN F 30 4.01 -25.30 9.07
N ARG F 31 5.32 -25.49 8.93
CA ARG F 31 6.27 -25.16 10.02
C ARG F 31 6.43 -23.65 10.18
N VAL F 32 6.36 -22.87 9.12
CA VAL F 32 6.77 -21.51 9.31
C VAL F 32 5.58 -20.67 9.66
N ILE F 33 4.43 -20.96 9.04
CA ILE F 33 3.27 -20.10 9.26
C ILE F 33 2.01 -20.83 9.69
N GLY F 34 2.10 -22.15 9.93
CA GLY F 34 0.91 -22.89 10.45
C GLY F 34 -0.14 -23.35 9.41
N THR F 35 0.12 -23.24 8.10
N THR F 35 0.22 -23.33 8.12
CA THR F 35 -0.96 -23.60 7.14
CA THR F 35 -0.72 -23.75 7.07
C THR F 35 -1.19 -25.07 7.11
C THR F 35 -1.11 -25.22 7.26
N PRO F 36 -2.41 -25.51 7.47
CA PRO F 36 -2.77 -26.95 7.65
C PRO F 36 -2.48 -27.76 6.39
N PRO F 37 -2.12 -29.05 6.57
CA PRO F 37 -1.68 -29.75 5.36
C PRO F 37 -2.85 -29.99 4.41
N GLY F 38 -2.62 -29.84 3.11
CA GLY F 38 -3.75 -29.87 2.20
C GLY F 38 -4.26 -28.50 1.80
N ARG F 39 -3.92 -27.40 2.48
CA ARG F 39 -4.52 -26.08 2.14
C ARG F 39 -3.66 -25.26 1.23
N LEU F 40 -2.37 -25.61 1.10
CA LEU F 40 -1.55 -24.92 0.12
C LEU F 40 -2.10 -25.12 -1.31
N GLN F 41 -2.33 -24.01 -2.03
CA GLN F 41 -2.72 -24.02 -3.43
C GLN F 41 -1.45 -23.95 -4.26
N LEU F 42 -1.01 -25.11 -4.75
CA LEU F 42 0.26 -25.26 -5.48
C LEU F 42 -0.08 -25.40 -6.96
N ILE F 43 0.64 -24.66 -7.80
CA ILE F 43 0.52 -24.75 -9.23
C ILE F 43 1.90 -24.80 -9.85
N ILE F 44 2.25 -25.96 -10.40
CA ILE F 44 3.50 -26.09 -11.10
C ILE F 44 3.25 -25.84 -12.55
N GLN F 45 4.10 -25.00 -13.19
CA GLN F 45 3.99 -24.75 -14.62
C GLN F 45 5.31 -25.08 -15.33
N ILE F 46 5.25 -26.11 -16.17
CA ILE F 46 6.40 -26.49 -16.98
C ILE F 46 6.35 -25.65 -18.22
N VAL F 47 7.29 -24.72 -18.36
CA VAL F 47 7.28 -23.86 -19.53
C VAL F 47 8.34 -24.19 -20.59
N SER F 48 7.90 -24.31 -21.82
CA SER F 48 8.82 -24.85 -22.76
C SER F 48 9.92 -23.80 -23.17
N PRO F 49 11.12 -24.26 -23.55
CA PRO F 49 12.26 -23.43 -23.88
C PRO F 49 11.95 -22.33 -24.85
N GLU F 50 11.10 -22.59 -25.83
CA GLU F 50 10.74 -21.58 -26.84
C GLU F 50 9.90 -20.44 -26.21
N ASN F 51 9.37 -20.66 -25.02
CA ASN F 51 8.47 -19.70 -24.43
C ASN F 51 9.17 -18.86 -23.34
N THR F 52 10.49 -18.90 -23.34
CA THR F 52 11.29 -18.23 -22.34
C THR F 52 12.56 -17.61 -22.89
N LEU F 53 13.33 -16.97 -22.02
CA LEU F 53 14.52 -16.23 -22.51
C LEU F 53 15.55 -17.16 -23.16
N ALA F 54 15.67 -18.39 -22.61
CA ALA F 54 16.40 -19.44 -23.35
C ALA F 54 16.12 -19.41 -24.88
N MET G 1 -4.60 12.24 28.02
CA MET G 1 -4.19 11.58 26.75
C MET G 1 -2.65 11.46 26.57
N LEU G 2 -2.21 10.32 26.07
CA LEU G 2 -0.83 10.18 25.68
C LEU G 2 -0.71 9.42 24.36
N LEU G 3 -0.39 10.06 23.26
CA LEU G 3 -0.39 9.34 21.99
C LEU G 3 0.90 9.60 21.26
N LEU G 4 1.53 8.54 20.74
CA LEU G 4 2.79 8.72 20.04
C LEU G 4 2.62 8.34 18.63
N ARG G 5 3.17 9.14 17.72
CA ARG G 5 3.28 8.66 16.38
C ARG G 5 4.69 8.69 15.77
N ILE G 6 5.15 7.53 15.34
CA ILE G 6 6.41 7.49 14.62
C ILE G 6 6.24 7.52 13.10
N THR G 7 6.98 8.35 12.41
CA THR G 7 7.05 8.17 11.02
C THR G 7 8.49 7.86 10.61
N MET G 8 8.68 6.82 9.83
CA MET G 8 9.99 6.26 9.58
C MET G 8 10.11 5.61 8.20
N LEU G 9 11.35 5.45 7.75
CA LEU G 9 11.67 4.72 6.50
C LEU G 9 11.22 3.28 6.52
N GLU G 10 10.56 2.85 5.43
CA GLU G 10 10.41 1.41 5.10
C GLU G 10 11.69 0.62 5.28
N GLY G 11 11.54 -0.67 5.58
CA GLY G 11 12.69 -1.56 5.45
C GLY G 11 13.10 -2.29 6.73
N ARG G 12 12.50 -1.91 7.87
CA ARG G 12 12.92 -2.47 9.16
C ARG G 12 12.09 -3.72 9.38
N SER G 13 12.61 -4.58 10.23
CA SER G 13 11.98 -5.84 10.54
C SER G 13 10.77 -5.65 11.47
N THR G 14 9.84 -6.58 11.35
CA THR G 14 8.73 -6.75 12.24
C THR G 14 9.13 -6.60 13.68
N GLU G 15 10.24 -7.23 14.03
CA GLU G 15 10.65 -7.33 15.40
C GLU G 15 11.19 -5.97 15.85
N GLN G 16 11.88 -5.28 14.94
CA GLN G 16 12.33 -3.91 15.13
C GLN G 16 11.18 -2.95 15.43
N LYS G 17 10.12 -3.00 14.64
CA LYS G 17 8.99 -2.10 14.85
C LYS G 17 8.30 -2.43 16.15
N ALA G 18 8.18 -3.70 16.45
CA ALA G 18 7.57 -4.06 17.70
C ALA G 18 8.40 -3.60 18.88
N GLU G 19 9.72 -3.63 18.76
CA GLU G 19 10.50 -3.35 19.96
C GLU G 19 10.46 -1.83 20.20
N LEU G 20 10.41 -1.07 19.11
CA LEU G 20 10.28 0.33 19.21
C LEU G 20 8.95 0.68 19.85
N ALA G 21 7.89 -0.02 19.46
CA ALA G 21 6.56 0.37 19.94
C ALA G 21 6.54 0.09 21.43
N ARG G 22 7.10 -1.05 21.86
CA ARG G 22 7.02 -1.31 23.27
C ARG G 22 7.98 -0.51 24.08
N ALA G 23 9.24 -0.39 23.66
CA ALA G 23 10.19 0.41 24.49
C ALA G 23 9.76 1.89 24.65
N LEU G 24 9.25 2.47 23.58
CA LEU G 24 8.89 3.88 23.59
C LEU G 24 7.57 4.12 24.37
N SER G 25 6.63 3.18 24.26
CA SER G 25 5.43 3.26 25.08
C SER G 25 5.83 3.19 26.52
N ALA G 26 6.64 2.22 26.90
CA ALA G 26 7.01 2.15 28.33
C ALA G 26 7.76 3.42 28.78
N ALA G 27 8.67 3.92 27.95
CA ALA G 27 9.36 5.12 28.37
C ALA G 27 8.42 6.35 28.53
N ALA G 28 7.37 6.45 27.71
CA ALA G 28 6.52 7.62 27.79
C ALA G 28 5.56 7.50 29.01
N ALA G 29 5.08 6.28 29.29
CA ALA G 29 4.28 6.04 30.48
C ALA G 29 5.05 6.49 31.74
N ALA G 30 6.28 6.02 31.87
CA ALA G 30 7.12 6.36 33.03
C ALA G 30 7.47 7.87 33.10
N ALA G 31 7.97 8.43 32.01
CA ALA G 31 8.34 9.84 32.00
C ALA G 31 7.17 10.81 32.29
N PHE G 32 6.01 10.51 31.70
CA PHE G 32 4.91 11.44 31.74
C PHE G 32 3.91 11.06 32.78
N ASP G 33 4.19 9.98 33.51
CA ASP G 33 3.30 9.53 34.58
C ASP G 33 1.83 9.26 34.11
N VAL G 34 1.68 8.51 33.02
CA VAL G 34 0.37 8.00 32.69
C VAL G 34 0.43 6.46 32.65
N PRO G 35 -0.71 5.79 32.96
CA PRO G 35 -0.67 4.32 32.97
C PRO G 35 -0.35 3.80 31.56
N LEU G 36 0.53 2.82 31.49
CA LEU G 36 0.90 2.21 30.23
C LEU G 36 -0.33 1.84 29.35
N ALA G 37 -1.35 1.28 30.00
CA ALA G 37 -2.59 0.93 29.34
C ALA G 37 -3.26 2.09 28.61
N GLU G 38 -3.01 3.36 28.98
CA GLU G 38 -3.61 4.46 28.22
C GLU G 38 -2.77 4.94 27.03
N VAL G 39 -1.54 4.43 26.87
CA VAL G 39 -0.62 4.92 25.83
C VAL G 39 -0.93 4.32 24.47
N ARG G 40 -1.10 5.19 23.47
CA ARG G 40 -1.32 4.72 22.09
C ARG G 40 -0.07 5.04 21.29
N LEU G 41 0.37 4.15 20.42
CA LEU G 41 1.43 4.49 19.46
C LEU G 41 1.06 4.10 18.01
N ILE G 42 1.28 4.99 17.07
CA ILE G 42 0.95 4.74 15.67
C ILE G 42 2.29 4.71 15.00
N ILE G 43 2.49 3.73 14.10
CA ILE G 43 3.66 3.69 13.21
C ILE G 43 3.25 3.97 11.74
N GLN G 44 3.96 4.86 11.03
CA GLN G 44 3.75 5.13 9.60
C GLN G 44 5.06 4.97 8.84
N GLU G 45 5.03 4.21 7.77
CA GLU G 45 6.24 3.99 6.98
C GLU G 45 6.22 4.81 5.72
N VAL G 46 7.39 5.18 5.24
CA VAL G 46 7.54 5.98 4.01
C VAL G 46 8.62 5.36 3.09
N PRO G 47 8.35 5.33 1.76
CA PRO G 47 9.43 4.82 0.91
C PRO G 47 10.60 5.77 0.86
N PRO G 48 11.79 5.25 0.55
CA PRO G 48 13.02 6.06 0.50
C PRO G 48 12.94 7.35 -0.40
N THR G 49 12.09 7.34 -1.42
CA THR G 49 11.95 8.47 -2.31
C THR G 49 11.09 9.55 -1.70
N HIS G 50 10.39 9.22 -0.60
CA HIS G 50 9.50 10.15 0.05
C HIS G 50 10.11 10.74 1.34
N TRP G 51 11.39 10.50 1.60
CA TRP G 51 12.06 11.10 2.76
C TRP G 51 13.26 11.85 2.23
N THR G 52 13.30 13.12 2.55
CA THR G 52 14.16 14.07 1.89
C THR G 52 15.04 14.82 2.87
N VAL G 53 16.31 15.00 2.51
CA VAL G 53 17.22 15.83 3.33
C VAL G 53 18.01 16.72 2.39
N GLY G 54 18.03 18.01 2.73
CA GLY G 54 18.65 19.05 1.88
C GLY G 54 18.10 19.02 0.46
N GLY G 55 16.83 18.60 0.32
CA GLY G 55 16.14 18.51 -0.98
C GLY G 55 16.31 17.23 -1.75
N ILE G 56 17.25 16.39 -1.32
CA ILE G 56 17.47 15.13 -2.00
C ILE G 56 16.94 13.88 -1.25
N SER G 57 16.15 13.07 -1.94
CA SER G 57 15.62 11.81 -1.38
C SER G 57 16.68 10.78 -0.93
N MET G 58 16.30 9.95 0.03
CA MET G 58 17.15 8.89 0.54
C MET G 58 17.45 7.85 -0.53
N ALA G 59 16.54 7.66 -1.49
CA ALA G 59 16.70 6.63 -2.54
C ALA G 59 17.83 7.05 -3.43
N GLU G 60 17.96 8.37 -3.59
CA GLU G 60 19.15 8.90 -4.18
C GLU G 60 20.32 8.61 -3.22
N LEU G 61 20.68 7.31 -3.21
CA LEU G 61 21.71 6.65 -2.37
C LEU G 61 22.67 7.61 -1.66
N PRO H 1 -3.94 19.77 -1.39
CA PRO H 1 -2.75 19.41 -0.65
C PRO H 1 -2.64 20.20 0.66
N MET H 2 -1.85 19.67 1.59
CA MET H 2 -1.67 20.23 2.89
C MET H 2 -0.19 20.24 3.13
N LEU H 3 0.33 21.33 3.70
CA LEU H 3 1.75 21.44 4.01
C LEU H 3 1.79 21.72 5.51
N GLU H 4 2.49 20.87 6.27
CA GLU H 4 2.79 21.19 7.68
C GLU H 4 4.24 21.56 7.77
N VAL H 5 4.53 22.70 8.45
CA VAL H 5 5.91 23.09 8.69
C VAL H 5 6.16 23.06 10.18
N PHE H 6 7.22 22.40 10.62
CA PHE H 6 7.58 22.41 12.06
C PHE H 6 8.92 23.07 12.20
N TYR H 7 9.01 24.13 12.99
CA TYR H 7 10.27 24.82 13.15
C TYR H 7 10.67 24.94 14.62
N SER H 8 11.94 24.82 14.93
CA SER H 8 12.34 25.07 16.27
C SER H 8 13.72 25.69 16.23
N GLY H 9 13.92 26.77 16.96
CA GLY H 9 15.24 27.35 17.08
C GLY H 9 15.31 28.62 17.91
N ASP H 10 16.50 29.20 17.97
CA ASP H 10 16.72 30.30 18.89
C ASP H 10 16.30 31.61 18.25
N ARG H 11 16.03 31.59 16.94
CA ARG H 11 15.55 32.80 16.30
C ARG H 11 14.34 32.57 15.38
N PRO H 12 13.10 32.47 15.92
CA PRO H 12 11.93 32.23 15.02
C PRO H 12 11.60 33.40 14.06
N PRO H 13 10.82 33.16 13.01
CA PRO H 13 10.60 34.22 12.03
C PRO H 13 9.47 35.17 12.38
N ASP H 14 9.61 36.42 12.02
CA ASP H 14 8.51 37.35 12.25
C ASP H 14 7.38 37.03 11.24
N ARG H 15 6.22 37.63 11.47
CA ARG H 15 5.05 37.44 10.63
C ARG H 15 5.31 37.68 9.15
N THR H 16 6.17 38.65 8.88
CA THR H 16 6.42 39.10 7.54
C THR H 16 7.17 38.02 6.71
N ARG H 17 8.17 37.43 7.32
CA ARG H 17 8.88 36.31 6.75
C ARG H 17 8.04 35.04 6.58
N LYS H 18 7.09 34.81 7.46
CA LYS H 18 6.27 33.65 7.32
C LYS H 18 5.28 33.84 6.18
N GLN H 19 4.75 35.06 6.02
CA GLN H 19 3.84 35.29 4.88
C GLN H 19 4.53 35.31 3.50
N ALA H 20 5.80 35.71 3.43
CA ALA H 20 6.59 35.57 2.21
C ALA H 20 6.70 34.06 1.94
N PHE H 21 7.06 33.30 2.99
CA PHE H 21 7.18 31.87 2.83
C PHE H 21 5.88 31.28 2.35
N ALA H 22 4.79 31.79 2.90
CA ALA H 22 3.49 31.19 2.61
C ALA H 22 3.11 31.45 1.14
N ALA H 23 3.39 32.66 0.66
CA ALA H 23 3.01 32.96 -0.66
C ALA H 23 3.92 32.22 -1.63
N GLU H 24 5.21 32.07 -1.29
CA GLU H 24 6.14 31.26 -2.10
C GLU H 24 5.59 29.79 -2.15
N ALA H 25 5.09 29.29 -1.02
CA ALA H 25 4.69 27.88 -0.98
C ALA H 25 3.52 27.66 -1.92
N SER H 26 2.59 28.60 -1.93
CA SER H 26 1.47 28.33 -2.85
C SER H 26 1.87 28.56 -4.32
N ALA H 27 2.73 29.52 -4.60
CA ALA H 27 3.24 29.62 -5.96
C ALA H 27 3.98 28.32 -6.45
N ILE H 28 4.70 27.65 -5.55
CA ILE H 28 5.40 26.39 -5.85
C ILE H 28 4.40 25.24 -6.13
N PHE H 29 3.37 25.08 -5.29
CA PHE H 29 2.33 24.14 -5.56
C PHE H 29 1.62 24.41 -6.90
N GLN H 30 1.35 25.68 -7.22
CA GLN H 30 0.65 26.02 -8.44
C GLN H 30 1.54 25.76 -9.68
N ARG H 31 2.80 26.12 -9.57
CA ARG H 31 3.74 25.88 -10.63
C ARG H 31 3.92 24.36 -10.89
N VAL H 32 4.00 23.53 -9.84
CA VAL H 32 4.42 22.13 -10.05
C VAL H 32 3.24 21.19 -10.28
N ILE H 33 2.15 21.41 -9.52
CA ILE H 33 0.98 20.54 -9.62
C ILE H 33 -0.32 21.28 -9.98
N GLY H 34 -0.23 22.58 -10.26
CA GLY H 34 -1.40 23.34 -10.66
C GLY H 34 -2.41 23.61 -9.51
N THR H 35 -2.01 23.48 -8.27
CA THR H 35 -2.91 23.90 -7.19
C THR H 35 -3.44 25.34 -7.33
N PRO H 36 -4.79 25.55 -7.43
CA PRO H 36 -5.27 26.95 -7.54
C PRO H 36 -4.94 27.81 -6.31
N PRO H 37 -4.68 29.12 -6.52
CA PRO H 37 -4.33 29.99 -5.39
C PRO H 37 -5.45 30.00 -4.36
N GLY H 38 -5.04 30.07 -3.09
CA GLY H 38 -5.98 29.99 -1.97
C GLY H 38 -6.33 28.55 -1.54
N ARG H 39 -5.78 27.51 -2.19
CA ARG H 39 -6.23 26.16 -1.84
C ARG H 39 -5.32 25.31 -0.99
N LEU H 40 -4.02 25.63 -1.00
CA LEU H 40 -3.08 24.96 -0.16
C LEU H 40 -3.54 25.17 1.28
N GLN H 41 -3.73 24.09 2.02
CA GLN H 41 -4.00 24.14 3.47
C GLN H 41 -2.65 24.14 4.15
N LEU H 42 -2.24 25.30 4.69
CA LEU H 42 -0.87 25.49 5.27
C LEU H 42 -0.95 25.67 6.79
N ILE H 43 -0.09 24.96 7.53
CA ILE H 43 0.03 25.07 8.98
C ILE H 43 1.50 25.16 9.35
N ILE H 44 1.91 26.31 9.84
CA ILE H 44 3.26 26.47 10.39
C ILE H 44 3.18 26.33 11.88
N GLN H 45 4.01 25.44 12.44
CA GLN H 45 4.05 25.34 13.92
C GLN H 45 5.44 25.71 14.46
N ILE H 46 5.51 26.72 15.33
CA ILE H 46 6.77 27.10 15.94
C ILE H 46 6.86 26.28 17.23
N VAL H 47 7.80 25.33 17.27
CA VAL H 47 7.93 24.38 18.36
C VAL H 47 9.03 24.87 19.35
N SER H 48 8.68 24.96 20.61
CA SER H 48 9.68 25.47 21.49
C SER H 48 10.82 24.44 21.73
N PRO H 49 12.07 24.94 21.87
CA PRO H 49 13.25 24.03 21.91
C PRO H 49 13.19 23.01 23.06
N GLU H 50 12.47 23.38 24.12
CA GLU H 50 12.19 22.57 25.25
C GLU H 50 11.29 21.32 24.88
N ASN H 51 10.58 21.36 23.75
CA ASN H 51 9.73 20.30 23.30
C ASN H 51 10.36 19.58 22.13
N THR H 52 11.66 19.54 22.10
CA THR H 52 12.41 19.01 21.02
C THR H 52 13.61 18.26 21.63
N LEU H 53 14.36 17.54 20.81
CA LEU H 53 15.53 16.88 21.31
C LEU H 53 16.51 17.86 21.98
N ALA H 54 16.47 19.14 21.58
CA ALA H 54 17.45 20.12 22.04
C ALA H 54 17.38 20.33 23.54
N VAL H 55 16.30 19.90 24.17
CA VAL H 55 16.13 20.09 25.63
C VAL H 55 17.18 19.43 26.51
N ILE H 56 17.98 18.52 25.92
CA ILE H 56 18.91 17.76 26.71
C ILE H 56 19.97 18.65 27.39
N ASP H 57 20.59 19.54 26.64
CA ASP H 57 21.16 20.64 27.40
C ASP H 57 20.92 21.91 26.65
N LEU H 58 20.22 22.80 27.35
CA LEU H 58 19.68 23.98 26.76
C LEU H 58 20.54 25.24 27.05
N MET I 1 -9.63 28.63 7.65
CA MET I 1 -9.28 27.25 7.39
C MET I 1 -9.97 26.31 8.42
N LEU I 2 -10.51 25.22 7.94
CA LEU I 2 -10.87 24.13 8.82
C LEU I 2 -10.53 22.79 8.16
N LEU I 3 -9.64 22.03 8.78
CA LEU I 3 -9.22 20.74 8.23
C LEU I 3 -9.21 19.67 9.27
N LEU I 4 -9.70 18.51 8.87
CA LEU I 4 -9.73 17.34 9.74
C LEU I 4 -8.89 16.22 9.11
N ARG I 5 -8.13 15.52 9.98
CA ARG I 5 -7.43 14.32 9.65
C ARG I 5 -7.78 13.10 10.59
N ILE I 6 -8.28 12.02 10.03
CA ILE I 6 -8.54 10.82 10.75
C ILE I 6 -7.44 9.83 10.51
N THR I 7 -6.94 9.26 11.60
CA THR I 7 -6.09 8.11 11.53
C THR I 7 -6.85 6.96 12.21
N MET I 8 -6.93 5.82 11.54
CA MET I 8 -8.01 4.83 11.70
C MET I 8 -7.35 3.46 11.31
N LEU I 9 -7.72 2.38 11.95
CA LEU I 9 -7.32 1.05 11.54
C LEU I 9 -7.94 0.70 10.19
N GLU I 10 -7.14 0.03 9.33
CA GLU I 10 -7.63 -0.62 8.09
C GLU I 10 -8.77 -1.58 8.34
N GLY I 11 -9.64 -1.79 7.37
CA GLY I 11 -10.62 -2.86 7.52
C GLY I 11 -12.07 -2.42 7.47
N ARG I 12 -12.29 -1.11 7.41
CA ARG I 12 -13.63 -0.57 7.35
C ARG I 12 -14.12 -0.48 5.94
N SER I 13 -15.45 -0.45 5.77
CA SER I 13 -16.04 -0.39 4.47
C SER I 13 -15.96 1.01 3.90
N THR I 14 -16.26 1.12 2.61
CA THR I 14 -16.16 2.39 1.95
C THR I 14 -17.40 3.18 2.31
N GLU I 15 -18.56 2.53 2.48
CA GLU I 15 -19.74 3.22 3.04
C GLU I 15 -19.41 3.85 4.42
N GLN I 16 -18.77 3.11 5.30
CA GLN I 16 -18.37 3.64 6.57
C GLN I 16 -17.46 4.86 6.44
N LYS I 17 -16.45 4.84 5.57
CA LYS I 17 -15.50 5.92 5.52
C LYS I 17 -16.17 7.18 5.00
N ALA I 18 -17.03 7.01 3.99
CA ALA I 18 -17.74 8.12 3.45
C ALA I 18 -18.74 8.73 4.48
N GLU I 19 -19.39 7.89 5.26
CA GLU I 19 -20.37 8.42 6.21
C GLU I 19 -19.61 9.28 7.27
N LEU I 20 -18.41 8.85 7.60
CA LEU I 20 -17.64 9.45 8.66
C LEU I 20 -17.21 10.82 8.17
N ALA I 21 -16.76 10.86 6.92
CA ALA I 21 -16.36 12.10 6.24
C ALA I 21 -17.50 13.05 6.10
N ARG I 22 -18.66 12.54 5.70
CA ARG I 22 -19.80 13.41 5.58
C ARG I 22 -20.28 13.98 6.97
N ALA I 23 -20.44 13.11 7.96
CA ALA I 23 -21.01 13.54 9.23
C ALA I 23 -20.06 14.48 10.02
N LEU I 24 -18.74 14.18 9.98
CA LEU I 24 -17.81 14.96 10.78
C LEU I 24 -17.61 16.31 10.10
N SER I 25 -17.60 16.32 8.77
CA SER I 25 -17.58 17.61 8.08
C SER I 25 -18.79 18.50 8.42
N ALA I 26 -19.99 17.94 8.36
CA ALA I 26 -21.16 18.75 8.68
C ALA I 26 -21.11 19.16 10.20
N ALA I 27 -20.67 18.27 11.07
CA ALA I 27 -20.59 18.62 12.52
C ALA I 27 -19.57 19.79 12.78
N ALA I 28 -18.43 19.78 12.08
CA ALA I 28 -17.43 20.81 12.29
C ALA I 28 -17.86 22.17 11.70
N ALA I 29 -18.35 22.17 10.46
CA ALA I 29 -19.01 23.39 9.91
C ALA I 29 -20.02 23.98 10.89
N ALA I 30 -20.89 23.17 11.47
CA ALA I 30 -21.93 23.74 12.34
C ALA I 30 -21.34 24.23 13.69
N ALA I 31 -20.52 23.40 14.30
CA ALA I 31 -19.99 23.74 15.62
C ALA I 31 -19.14 24.99 15.50
N PHE I 32 -18.35 25.05 14.43
CA PHE I 32 -17.40 26.13 14.32
C PHE I 32 -17.81 27.29 13.44
N ASP I 33 -19.08 27.36 13.03
CA ASP I 33 -19.56 28.42 12.14
C ASP I 33 -18.64 28.67 10.89
N VAL I 34 -18.32 27.62 10.16
CA VAL I 34 -17.66 27.85 8.86
C VAL I 34 -18.46 27.18 7.72
N PRO I 35 -18.48 27.81 6.54
CA PRO I 35 -19.27 27.17 5.45
C PRO I 35 -18.78 25.76 5.21
N LEU I 36 -19.71 24.81 5.12
CA LEU I 36 -19.41 23.40 4.75
C LEU I 36 -18.39 23.27 3.61
N ALA I 37 -18.59 24.07 2.53
CA ALA I 37 -17.78 23.98 1.34
C ALA I 37 -16.26 24.24 1.58
N GLU I 38 -15.91 24.83 2.72
CA GLU I 38 -14.51 25.15 3.05
C GLU I 38 -13.74 24.03 3.84
N VAL I 39 -14.49 23.08 4.39
CA VAL I 39 -13.99 22.00 5.24
C VAL I 39 -13.32 20.86 4.42
N ARG I 40 -12.05 20.56 4.70
CA ARG I 40 -11.39 19.40 4.17
C ARG I 40 -11.29 18.29 5.20
N LEU I 41 -11.22 17.06 4.74
CA LEU I 41 -11.06 15.95 5.65
C LEU I 41 -10.25 14.89 4.95
N ILE I 42 -9.30 14.31 5.67
CA ILE I 42 -8.36 13.36 5.11
C ILE I 42 -8.47 12.14 5.94
N ILE I 43 -8.43 10.99 5.31
CA ILE I 43 -8.42 9.74 6.06
C ILE I 43 -7.08 9.02 5.84
N GLN I 44 -6.46 8.60 6.93
CA GLN I 44 -5.30 7.77 6.85
C GLN I 44 -5.57 6.46 7.56
N GLU I 45 -5.32 5.40 6.84
CA GLU I 45 -5.51 4.03 7.36
C GLU I 45 -4.19 3.44 7.77
N VAL I 46 -4.18 2.58 8.79
CA VAL I 46 -2.95 1.85 9.14
C VAL I 46 -3.23 0.35 9.45
N PRO I 47 -2.25 -0.54 9.21
CA PRO I 47 -2.55 -1.96 9.51
C PRO I 47 -2.58 -2.31 10.99
N PRO I 48 -3.22 -3.42 11.35
CA PRO I 48 -3.25 -3.79 12.79
C PRO I 48 -1.84 -3.82 13.48
N THR I 49 -0.78 -4.01 12.72
CA THR I 49 0.54 -4.13 13.33
C THR I 49 1.14 -2.77 13.73
N HIS I 50 0.50 -1.67 13.33
CA HIS I 50 1.11 -0.35 13.39
C HIS I 50 0.24 0.53 14.30
N TRP I 51 -0.73 -0.08 15.00
CA TRP I 51 -1.52 0.59 16.00
C TRP I 51 -1.39 -0.24 17.26
N THR I 52 -0.84 0.40 18.28
CA THR I 52 -0.34 -0.27 19.47
C THR I 52 -1.06 0.39 20.66
N VAL I 53 -1.52 -0.39 21.61
CA VAL I 53 -1.96 0.21 22.88
C VAL I 53 -1.31 -0.48 24.07
N GLY I 54 -0.78 0.33 24.97
CA GLY I 54 0.12 -0.20 26.01
C GLY I 54 1.29 -0.97 25.49
N GLY I 55 1.85 -0.59 24.36
CA GLY I 55 2.98 -1.33 23.81
C GLY I 55 2.64 -2.53 22.92
N ILE I 56 1.39 -2.98 22.88
CA ILE I 56 1.01 -4.19 22.14
C ILE I 56 0.10 -3.85 20.96
N SER I 57 0.46 -4.39 19.80
CA SER I 57 -0.29 -4.14 18.59
C SER I 57 -1.65 -4.79 18.68
N MET I 58 -2.58 -4.21 17.95
CA MET I 58 -3.91 -4.75 17.81
C MET I 58 -3.94 -6.22 17.33
N ALA I 59 -3.02 -6.66 16.46
CA ALA I 59 -2.82 -8.12 16.22
C ALA I 59 -2.29 -8.71 17.58
N GLU I 60 -3.21 -9.40 18.29
CA GLU I 60 -3.12 -9.60 19.79
C GLU I 60 -4.15 -8.76 20.58
N PRO J 1 14.19 9.51 11.37
CA PRO J 1 12.84 9.19 11.84
C PRO J 1 12.25 10.36 12.65
N MET J 2 10.93 10.36 12.82
CA MET J 2 10.22 11.45 13.43
C MET J 2 9.34 10.85 14.46
N LEU J 3 9.24 11.50 15.61
CA LEU J 3 8.38 11.03 16.69
C LEU J 3 7.61 12.19 17.26
N GLU J 4 6.29 12.18 17.11
CA GLU J 4 5.40 13.24 17.62
C GLU J 4 4.79 12.69 18.86
N VAL J 5 4.78 13.47 19.95
CA VAL J 5 4.14 13.05 21.18
C VAL J 5 3.00 14.05 21.49
N PHE J 6 1.83 13.56 21.89
CA PHE J 6 0.70 14.37 22.26
C PHE J 6 0.35 13.98 23.65
N TYR J 7 0.46 14.97 24.54
CA TYR J 7 0.17 14.77 25.91
C TYR J 7 -0.89 15.76 26.35
N SER J 8 -1.80 15.31 27.20
CA SER J 8 -2.79 16.21 27.79
C SER J 8 -3.12 15.64 29.17
N GLY J 9 -3.21 16.52 30.17
CA GLY J 9 -3.43 16.11 31.57
C GLY J 9 -3.60 17.31 32.49
N ASP J 10 -4.01 17.09 33.74
CA ASP J 10 -4.14 18.21 34.66
C ASP J 10 -2.80 18.94 34.76
N ARG J 11 -1.70 18.17 34.59
CA ARG J 11 -0.32 18.60 34.85
C ARG J 11 0.65 18.55 33.66
N PRO J 12 0.82 19.71 32.99
CA PRO J 12 1.90 19.78 31.98
C PRO J 12 3.25 19.35 32.62
N PRO J 13 3.97 18.41 31.99
CA PRO J 13 5.31 17.93 32.44
C PRO J 13 6.40 19.05 32.55
N ASP J 14 7.17 19.06 33.63
CA ASP J 14 8.34 19.94 33.76
C ASP J 14 9.50 19.55 32.81
N ARG J 15 10.52 20.37 32.73
CA ARG J 15 11.63 20.12 31.81
C ARG J 15 12.38 18.79 32.12
N THR J 16 12.51 18.47 33.41
CA THR J 16 13.13 17.22 33.85
C THR J 16 12.48 15.99 33.21
N ARG J 17 11.16 15.96 33.16
CA ARG J 17 10.48 14.78 32.59
C ARG J 17 10.80 14.62 31.09
N LYS J 18 10.86 15.77 30.41
CA LYS J 18 11.02 15.85 28.99
C LYS J 18 12.47 15.52 28.62
N GLN J 19 13.43 15.98 29.43
CA GLN J 19 14.82 15.56 29.26
C GLN J 19 14.97 14.03 29.35
N ALA J 20 14.33 13.44 30.34
CA ALA J 20 14.39 12.02 30.55
C ALA J 20 13.86 11.31 29.29
N PHE J 21 12.73 11.77 28.78
CA PHE J 21 12.09 11.05 27.72
C PHE J 21 12.87 11.25 26.42
N ALA J 22 13.29 12.43 26.19
CA ALA J 22 14.12 12.71 25.04
C ALA J 22 15.33 11.77 24.94
N ALA J 23 16.11 11.71 26.02
CA ALA J 23 17.25 10.82 26.05
C ALA J 23 16.93 9.34 25.96
N GLU J 24 15.88 8.87 26.60
CA GLU J 24 15.49 7.44 26.43
C GLU J 24 15.07 7.14 24.97
N ALA J 25 14.25 8.02 24.38
CA ALA J 25 13.86 7.91 22.94
C ALA J 25 15.08 7.88 22.05
N SER J 26 16.07 8.72 22.32
CA SER J 26 17.24 8.69 21.45
C SER J 26 17.94 7.39 21.60
N ALA J 27 18.08 6.93 22.84
CA ALA J 27 18.82 5.69 22.99
C ALA J 27 18.04 4.51 22.41
N ILE J 28 16.72 4.53 22.47
CA ILE J 28 15.96 3.43 21.96
C ILE J 28 16.11 3.32 20.45
N PHE J 29 15.97 4.42 19.75
CA PHE J 29 16.15 4.42 18.32
C PHE J 29 17.56 4.00 17.92
N GLN J 30 18.59 4.42 18.68
CA GLN J 30 19.96 4.04 18.33
C GLN J 30 20.16 2.54 18.56
N ARG J 31 19.67 2.00 19.68
CA ARG J 31 19.87 0.59 19.92
C ARG J 31 19.00 -0.31 18.97
N VAL J 32 17.76 0.09 18.69
CA VAL J 32 16.91 -0.76 17.86
C VAL J 32 17.16 -0.62 16.37
N ILE J 33 17.21 0.61 15.83
CA ILE J 33 17.44 0.73 14.39
C ILE J 33 18.75 1.43 13.96
N GLY J 34 19.65 1.75 14.88
CA GLY J 34 20.92 2.36 14.49
C GLY J 34 20.90 3.90 14.32
N THR J 35 19.84 4.61 14.71
CA THR J 35 19.76 6.07 14.48
C THR J 35 20.88 6.83 15.23
N PRO J 36 21.74 7.58 14.52
CA PRO J 36 22.82 8.18 15.34
C PRO J 36 22.24 9.23 16.32
N PRO J 37 22.87 9.39 17.51
CA PRO J 37 22.32 10.39 18.47
C PRO J 37 22.30 11.75 17.82
N GLY J 38 21.30 12.54 18.16
CA GLY J 38 21.20 13.87 17.58
C GLY J 38 20.25 13.92 16.38
N ARG J 39 19.82 12.74 15.88
CA ARG J 39 19.17 12.70 14.56
C ARG J 39 17.66 12.42 14.55
N LEU J 40 17.14 11.85 15.61
CA LEU J 40 15.73 11.77 15.75
C LEU J 40 15.05 13.16 15.76
N GLN J 41 13.96 13.31 15.01
CA GLN J 41 13.21 14.55 14.98
C GLN J 41 12.07 14.42 16.01
N LEU J 42 12.27 14.96 17.21
CA LEU J 42 11.37 14.81 18.28
C LEU J 42 10.51 16.05 18.40
N ILE J 43 9.21 15.88 18.58
CA ILE J 43 8.22 16.95 18.74
C ILE J 43 7.24 16.58 19.82
N ILE J 44 7.33 17.27 20.93
CA ILE J 44 6.35 17.05 21.99
C ILE J 44 5.32 18.14 21.94
N GLN J 45 4.05 17.77 21.87
CA GLN J 45 2.92 18.71 21.84
C GLN J 45 2.09 18.61 23.13
N ILE J 46 2.00 19.74 23.84
CA ILE J 46 1.27 19.77 25.07
C ILE J 46 -0.09 20.32 24.71
N VAL J 47 -1.10 19.46 24.69
CA VAL J 47 -2.43 19.89 24.28
C VAL J 47 -3.33 20.16 25.49
N SER J 48 -3.85 21.39 25.54
CA SER J 48 -4.73 21.75 26.65
C SER J 48 -6.00 20.87 26.71
N PRO J 49 -6.50 20.56 27.91
CA PRO J 49 -7.64 19.62 28.06
C PRO J 49 -8.88 20.01 27.32
N GLU J 50 -9.14 21.30 27.15
N GLU J 50 -9.07 21.31 27.16
CA GLU J 50 -10.32 21.75 26.44
CA GLU J 50 -10.14 21.93 26.44
C GLU J 50 -10.21 21.53 24.92
C GLU J 50 -10.19 21.52 24.96
N ASN J 51 -9.04 21.07 24.45
CA ASN J 51 -8.82 20.81 23.08
C ASN J 51 -8.77 19.32 22.87
N THR J 52 -9.31 18.61 23.85
CA THR J 52 -9.30 17.16 23.88
C THR J 52 -10.75 16.68 24.08
N LEU J 53 -10.96 15.37 24.06
CA LEU J 53 -12.26 14.80 24.37
C LEU J 53 -12.70 15.11 25.81
N ALA J 54 -11.75 15.42 26.66
CA ALA J 54 -12.05 15.75 28.03
C ALA J 54 -12.79 17.09 28.19
N VAL J 55 -12.95 17.90 27.13
CA VAL J 55 -13.61 19.19 27.26
C VAL J 55 -15.09 19.03 27.71
N ILE J 56 -15.65 17.87 27.48
CA ILE J 56 -17.02 17.56 27.83
C ILE J 56 -17.29 17.65 29.34
N ASP J 57 -16.36 17.22 30.18
CA ASP J 57 -16.59 17.39 31.60
C ASP J 57 -15.29 17.76 32.32
N LEU J 58 -14.96 19.04 32.39
CA LEU J 58 -13.80 19.43 33.22
C LEU J 58 -14.21 19.58 34.70
N ASP J 59 -13.89 18.59 35.53
CA ASP J 59 -14.68 18.32 36.78
C ASP J 59 -15.27 19.57 37.48
N MET K 1 15.65 22.59 14.52
CA MET K 1 14.81 21.64 13.72
C MET K 1 14.04 22.40 12.64
N LEU K 2 14.04 21.89 11.43
CA LEU K 2 13.06 22.33 10.45
C LEU K 2 12.59 21.16 9.64
N LEU K 3 11.32 20.82 9.75
CA LEU K 3 10.79 19.62 9.11
C LEU K 3 9.54 19.91 8.30
N LEU K 4 9.43 19.43 7.10
CA LEU K 4 8.18 19.69 6.40
C LEU K 4 7.44 18.39 6.09
N ARG K 5 6.12 18.43 6.15
CA ARG K 5 5.34 17.27 5.79
C ARG K 5 4.25 17.66 4.79
N ILE K 6 4.34 17.06 3.59
CA ILE K 6 3.27 17.25 2.67
C ILE K 6 2.33 16.12 2.58
N THR K 7 1.05 16.44 2.53
CA THR K 7 0.01 15.43 2.36
C THR K 7 -0.74 15.78 1.08
N MET K 8 -0.66 14.86 0.10
CA MET K 8 -1.23 15.13 -1.24
C MET K 8 -1.97 13.96 -1.86
N LEU K 9 -2.81 14.28 -2.82
CA LEU K 9 -3.42 13.28 -3.61
C LEU K 9 -2.42 12.47 -4.40
N GLU K 10 -2.68 11.17 -4.49
CA GLU K 10 -2.01 10.28 -5.45
C GLU K 10 -2.15 10.71 -6.88
N GLY K 11 -1.19 10.27 -7.70
CA GLY K 11 -1.31 10.34 -9.15
C GLY K 11 -0.31 11.32 -9.74
N ARG K 12 0.62 11.86 -8.94
CA ARG K 12 1.56 12.87 -9.48
C ARG K 12 2.86 12.16 -9.88
N SER K 13 3.56 12.74 -10.84
CA SER K 13 4.78 12.08 -11.34
C SER K 13 5.89 12.08 -10.28
N THR K 14 6.86 11.21 -10.53
CA THR K 14 8.08 11.07 -9.77
C THR K 14 8.80 12.40 -9.83
N GLU K 15 8.89 12.98 -11.03
CA GLU K 15 9.54 14.28 -11.30
C GLU K 15 8.89 15.42 -10.50
N GLN K 16 7.58 15.52 -10.58
CA GLN K 16 6.78 16.44 -9.82
C GLN K 16 7.03 16.33 -8.29
N LYS K 17 7.03 15.13 -7.73
CA LYS K 17 7.25 14.97 -6.27
C LYS K 17 8.64 15.50 -5.91
N ALA K 18 9.64 15.16 -6.72
CA ALA K 18 10.99 15.58 -6.44
C ALA K 18 11.17 17.10 -6.61
N GLU K 19 10.46 17.74 -7.56
CA GLU K 19 10.49 19.21 -7.61
C GLU K 19 9.83 19.84 -6.35
N LEU K 20 8.69 19.33 -5.90
CA LEU K 20 8.09 19.92 -4.69
C LEU K 20 9.13 19.86 -3.57
N ALA K 21 9.82 18.75 -3.47
CA ALA K 21 10.68 18.58 -2.34
C ALA K 21 11.86 19.53 -2.46
N ARG K 22 12.38 19.68 -3.66
CA ARG K 22 13.54 20.51 -3.85
C ARG K 22 13.15 21.96 -3.64
N ALA K 23 12.05 22.39 -4.22
CA ALA K 23 11.74 23.83 -4.15
C ALA K 23 11.27 24.24 -2.74
N LEU K 24 10.48 23.37 -2.14
CA LEU K 24 9.93 23.70 -0.86
C LEU K 24 11.03 23.70 0.17
N SER K 25 11.98 22.79 0.04
CA SER K 25 13.09 22.76 0.97
C SER K 25 13.95 23.99 0.84
N ALA K 26 14.19 24.46 -0.37
CA ALA K 26 15.00 25.67 -0.53
C ALA K 26 14.24 26.86 0.01
N ALA K 27 12.95 26.94 -0.32
CA ALA K 27 12.19 28.08 0.13
C ALA K 27 12.19 28.13 1.69
N ALA K 28 12.18 26.99 2.34
CA ALA K 28 12.07 27.00 3.77
C ALA K 28 13.39 27.26 4.43
N ALA K 29 14.48 26.68 3.91
CA ALA K 29 15.84 27.04 4.39
C ALA K 29 16.00 28.54 4.44
N ALA K 30 15.68 29.17 3.33
CA ALA K 30 15.91 30.61 3.21
C ALA K 30 15.01 31.42 4.15
N ALA K 31 13.71 31.17 4.14
CA ALA K 31 12.78 31.89 5.03
C ALA K 31 13.04 31.76 6.55
N PHE K 32 13.30 30.53 7.00
CA PHE K 32 13.47 30.25 8.42
C PHE K 32 14.93 30.37 8.90
N ASP K 33 15.87 30.65 7.98
CA ASP K 33 17.31 30.79 8.30
C ASP K 33 17.95 29.54 8.83
N VAL K 34 17.95 28.50 8.01
CA VAL K 34 18.48 27.19 8.44
C VAL K 34 19.29 26.62 7.28
N PRO K 35 20.51 26.11 7.55
CA PRO K 35 21.21 25.50 6.42
C PRO K 35 20.33 24.46 5.73
N LEU K 36 20.35 24.45 4.39
CA LEU K 36 19.59 23.47 3.60
C LEU K 36 19.75 22.01 4.08
N ALA K 37 21.00 21.63 4.37
CA ALA K 37 21.39 20.27 4.79
C ALA K 37 20.68 19.79 6.05
N GLU K 38 20.05 20.73 6.76
CA GLU K 38 19.37 20.42 8.01
C GLU K 38 17.88 20.07 7.82
N VAL K 39 17.32 20.46 6.68
CA VAL K 39 15.89 20.41 6.40
C VAL K 39 15.43 19.03 5.94
N ARG K 40 14.44 18.46 6.60
CA ARG K 40 13.80 17.21 6.19
C ARG K 40 12.44 17.49 5.61
N LEU K 41 12.03 16.63 4.70
CA LEU K 41 10.73 16.74 4.12
C LEU K 41 10.21 15.35 3.82
N ILE K 42 8.93 15.15 4.15
CA ILE K 42 8.27 13.84 4.11
C ILE K 42 7.11 14.02 3.22
N ILE K 43 6.93 13.13 2.25
CA ILE K 43 5.72 13.12 1.44
C ILE K 43 4.83 11.92 1.80
N GLN K 44 3.51 12.18 1.96
CA GLN K 44 2.48 11.19 2.23
C GLN K 44 1.47 11.42 1.17
N GLU K 45 1.06 10.36 0.49
CA GLU K 45 0.07 10.45 -0.56
C GLU K 45 -1.21 9.77 -0.07
N VAL K 46 -2.32 10.15 -0.69
CA VAL K 46 -3.60 9.66 -0.28
C VAL K 46 -4.47 9.35 -1.49
N PRO K 47 -5.21 8.22 -1.48
CA PRO K 47 -6.14 7.97 -2.63
C PRO K 47 -7.29 8.97 -2.76
N PRO K 48 -7.86 9.14 -3.99
CA PRO K 48 -8.90 10.15 -4.30
C PRO K 48 -10.06 10.11 -3.33
N THR K 49 -10.22 8.95 -2.78
CA THR K 49 -11.34 8.53 -2.00
C THR K 49 -11.16 8.97 -0.50
N HIS K 50 -9.91 9.27 -0.09
CA HIS K 50 -9.57 9.70 1.27
C HIS K 50 -9.30 11.20 1.43
N TRP K 51 -9.73 11.99 0.43
CA TRP K 51 -9.61 13.43 0.47
C TRP K 51 -10.99 13.99 0.15
N THR K 52 -11.64 14.63 1.15
CA THR K 52 -12.99 15.13 0.95
C THR K 52 -13.05 16.61 1.13
N VAL K 53 -13.99 17.26 0.46
CA VAL K 53 -14.22 18.70 0.65
C VAL K 53 -15.72 18.97 0.67
N GLY K 54 -16.20 19.57 1.75
CA GLY K 54 -17.63 19.71 1.88
C GLY K 54 -18.34 18.42 2.18
N GLY K 55 -17.62 17.49 2.82
CA GLY K 55 -18.11 16.13 2.92
C GLY K 55 -18.02 15.24 1.67
N ILE K 56 -17.73 15.72 0.47
CA ILE K 56 -17.67 14.68 -0.58
C ILE K 56 -16.25 14.43 -1.12
N SER K 57 -15.95 13.18 -1.46
CA SER K 57 -14.61 12.79 -1.92
C SER K 57 -14.29 13.35 -3.32
N MET K 58 -13.00 13.52 -3.58
CA MET K 58 -12.46 13.84 -4.87
C MET K 58 -12.88 12.79 -5.92
N ALA K 59 -12.96 11.51 -5.55
CA ALA K 59 -13.55 10.49 -6.42
C ALA K 59 -14.91 10.90 -7.00
N GLU K 60 -15.54 11.93 -6.42
CA GLU K 60 -16.79 12.47 -6.96
C GLU K 60 -16.72 13.56 -8.04
N LEU K 61 -15.59 14.26 -8.15
CA LEU K 61 -15.22 14.86 -9.44
C LEU K 61 -15.02 13.67 -10.42
N ARG K 62 -15.96 13.52 -11.37
CA ARG K 62 -15.95 12.40 -12.34
C ARG K 62 -16.88 12.58 -13.58
N PRO L 1 -9.09 5.14 17.16
CA PRO L 1 -8.98 6.10 16.07
C PRO L 1 -8.58 7.49 16.58
N MET L 2 -7.96 8.27 15.72
CA MET L 2 -7.47 9.60 16.07
C MET L 2 -8.13 10.61 15.12
N LEU L 3 -8.50 11.76 15.67
CA LEU L 3 -9.08 12.87 14.89
C LEU L 3 -8.30 14.16 15.19
N GLU L 4 -7.57 14.69 14.23
CA GLU L 4 -6.94 15.98 14.42
C GLU L 4 -7.84 17.03 13.73
N VAL L 5 -8.10 18.13 14.42
CA VAL L 5 -8.85 19.24 13.83
C VAL L 5 -7.91 20.47 13.81
N PHE L 6 -7.74 21.08 12.63
CA PHE L 6 -7.05 22.37 12.51
C PHE L 6 -8.06 23.48 12.11
N TYR L 7 -8.16 24.50 12.98
CA TYR L 7 -9.02 25.65 12.75
C TYR L 7 -8.23 26.97 12.71
N SER L 8 -8.54 27.80 11.74
CA SER L 8 -8.04 29.19 11.79
C SER L 8 -9.18 30.16 11.35
N GLY L 9 -9.36 31.25 12.07
CA GLY L 9 -10.35 32.25 11.70
C GLY L 9 -10.14 33.45 12.58
N ASP L 10 -10.99 34.47 12.46
CA ASP L 10 -10.80 35.72 13.24
C ASP L 10 -11.34 35.49 14.65
N ARG L 11 -12.17 34.46 14.74
CA ARG L 11 -13.00 34.09 15.91
C ARG L 11 -12.72 32.61 16.35
N PRO L 12 -11.63 32.39 17.13
CA PRO L 12 -11.40 31.06 17.69
C PRO L 12 -12.64 30.65 18.60
N PRO L 13 -13.11 29.40 18.54
CA PRO L 13 -14.31 28.92 19.25
C PRO L 13 -14.25 28.86 20.81
N ASP L 14 -15.33 29.26 21.49
CA ASP L 14 -15.35 29.13 22.94
C ASP L 14 -15.47 27.64 23.30
N ARG L 15 -15.42 27.38 24.59
CA ARG L 15 -15.58 26.06 25.16
C ARG L 15 -16.88 25.36 24.72
N THR L 16 -17.99 26.08 24.71
CA THR L 16 -19.27 25.48 24.36
C THR L 16 -19.31 24.92 22.92
N ARG L 17 -18.65 25.59 21.98
CA ARG L 17 -18.60 25.05 20.62
C ARG L 17 -17.80 23.76 20.54
N LYS L 18 -16.68 23.69 21.28
CA LYS L 18 -15.85 22.49 21.34
C LYS L 18 -16.53 21.37 22.09
N GLN L 19 -17.31 21.65 23.13
CA GLN L 19 -18.07 20.57 23.76
C GLN L 19 -19.05 19.95 22.75
N ALA L 20 -19.72 20.79 21.98
CA ALA L 20 -20.74 20.31 21.03
C ALA L 20 -20.03 19.41 20.00
N PHE L 21 -18.91 19.92 19.48
CA PHE L 21 -18.12 19.15 18.54
C PHE L 21 -17.53 17.84 19.08
N ALA L 22 -16.96 17.87 20.27
CA ALA L 22 -16.46 16.61 20.85
C ALA L 22 -17.59 15.60 21.06
N ALA L 23 -18.72 16.04 21.64
CA ALA L 23 -19.83 15.13 21.78
C ALA L 23 -20.31 14.57 20.42
N GLU L 24 -20.45 15.40 19.40
CA GLU L 24 -20.97 14.89 18.15
C GLU L 24 -19.91 13.94 17.52
N ALA L 25 -18.62 14.30 17.60
CA ALA L 25 -17.59 13.44 17.00
C ALA L 25 -17.62 12.08 17.65
N SER L 26 -17.72 11.99 19.00
CA SER L 26 -17.84 10.68 19.66
C SER L 26 -19.01 9.88 19.20
N ALA L 27 -20.16 10.49 19.28
CA ALA L 27 -21.38 9.82 18.85
C ALA L 27 -21.27 9.34 17.41
N ILE L 28 -20.57 10.10 16.54
CA ILE L 28 -20.49 9.77 15.12
C ILE L 28 -19.56 8.55 14.94
N PHE L 29 -18.39 8.56 15.59
CA PHE L 29 -17.53 7.38 15.54
C PHE L 29 -18.24 6.15 16.12
N GLN L 30 -18.97 6.37 17.23
CA GLN L 30 -19.63 5.23 17.84
C GLN L 30 -20.66 4.63 16.86
N ARG L 31 -21.46 5.49 16.21
CA ARG L 31 -22.55 5.03 15.35
C ARG L 31 -22.03 4.40 14.05
N VAL L 32 -20.93 4.88 13.48
CA VAL L 32 -20.59 4.30 12.22
C VAL L 32 -19.58 3.19 12.27
N ILE L 33 -18.63 3.27 13.18
CA ILE L 33 -17.65 2.16 13.26
C ILE L 33 -17.60 1.46 14.61
N GLY L 34 -18.53 1.80 15.50
CA GLY L 34 -18.61 1.20 16.88
C GLY L 34 -17.56 1.69 17.90
N THR L 35 -16.91 2.85 17.70
CA THR L 35 -15.90 3.26 18.71
C THR L 35 -16.50 3.45 20.11
N PRO L 36 -16.04 2.68 21.12
CA PRO L 36 -16.69 2.89 22.42
C PRO L 36 -16.51 4.32 22.92
N PRO L 37 -17.55 4.88 23.57
CA PRO L 37 -17.34 6.30 23.99
C PRO L 37 -16.17 6.48 24.97
N GLY L 38 -15.43 7.58 24.80
CA GLY L 38 -14.22 7.74 25.59
C GLY L 38 -12.92 7.38 24.88
N ARG L 39 -12.96 6.62 23.79
CA ARG L 39 -11.74 6.10 23.19
C ARG L 39 -11.21 6.89 22.02
N LEU L 40 -12.02 7.81 21.43
CA LEU L 40 -11.54 8.64 20.36
C LEU L 40 -10.39 9.56 20.88
N GLN L 41 -9.25 9.55 20.18
CA GLN L 41 -8.19 10.44 20.55
C GLN L 41 -8.41 11.72 19.73
N LEU L 42 -8.98 12.75 20.35
CA LEU L 42 -9.33 14.01 19.69
C LEU L 42 -8.27 15.08 20.01
N ILE L 43 -7.85 15.83 18.99
CA ILE L 43 -6.90 16.87 19.15
C ILE L 43 -7.30 18.09 18.31
N ILE L 44 -7.77 19.13 18.98
CA ILE L 44 -8.14 20.32 18.29
C ILE L 44 -6.92 21.18 18.29
N GLN L 45 -6.57 21.74 17.12
CA GLN L 45 -5.49 22.70 17.09
C GLN L 45 -5.95 24.04 16.50
N ILE L 46 -5.82 25.06 17.33
CA ILE L 46 -6.23 26.33 16.81
C ILE L 46 -5.01 27.15 16.38
N VAL L 47 -4.95 27.45 15.09
CA VAL L 47 -3.75 28.02 14.52
C VAL L 47 -3.93 29.50 14.14
N SER L 48 -3.04 30.34 14.64
CA SER L 48 -3.27 31.76 14.46
C SER L 48 -3.14 32.17 12.96
N PRO L 49 -3.82 33.25 12.55
CA PRO L 49 -3.82 33.73 11.17
C PRO L 49 -2.43 33.86 10.55
N GLU L 50 -1.46 34.34 11.31
CA GLU L 50 -0.08 34.48 10.83
C GLU L 50 0.59 33.11 10.49
N ASN L 51 -0.02 31.99 10.90
CA ASN L 51 0.67 30.71 10.70
C ASN L 51 0.00 29.89 9.58
N THR L 52 -0.82 30.59 8.81
CA THR L 52 -1.64 29.97 7.77
C THR L 52 -1.66 30.79 6.48
N LEU L 53 -2.40 30.34 5.46
CA LEU L 53 -2.39 31.04 4.17
C LEU L 53 -2.95 32.45 4.23
N ALA L 54 -3.90 32.70 5.15
CA ALA L 54 -4.29 34.08 5.47
C ALA L 54 -4.89 34.89 4.27
#